data_4XMW
#
_entry.id   4XMW
#
_cell.length_a   120.214
_cell.length_b   120.214
_cell.length_c   170.546
_cell.angle_alpha   90.00
_cell.angle_beta   90.00
_cell.angle_gamma   120.00
#
_symmetry.space_group_name_H-M   'P 31 2 1'
#
loop_
_entity.id
_entity.type
_entity.pdbx_description
1 polymer 'Aminopeptidase N'
2 non-polymer 'ZINC ION'
3 non-polymer 'ASPARTIC ACID'
4 non-polymer 'SODIUM ION'
5 non-polymer GLYCEROL
6 non-polymer 'MALONATE ION'
7 water water
#
_entity_poly.entity_id   1
_entity_poly.type   'polypeptide(L)'
_entity_poly.pdbx_seq_one_letter_code
;QPQAKYRHDYRAPDYQITDIDLTFDLDAQKTVVTAVSQAVRHGASDAPLRLNGEDLKLVSVHINDEPWTAWKEEEGALVI
SNLPERFTLKIINEISPAANTALEGLYQSGDALCTQCEAEGFRHITYYLDRPDVLARFTTKIIADKIKYPFLLSNGNRVA
QGELENGRHWVQWQDPFPKPCYLFALVAGDFDVLRDTFTTRSGREVALELYVDRGNLDRAPWAMTSLKNSMKWDEERFGL
EYDLDIYMIVAVDFFNAGAMENKGLNIFNSKYVLARTDTATDKDYLDIERVIGHEYFHNWTGNRVTCRDWFQLSLKEGLT
VFRDQEFSSDLGSRAVNRINNVRTMRGLQFAEDASPMAHPIRPDMVIEMNNFYTLTVYEKGAEVIRMIHTLLGEENFQKG
MQLYFERHDGSAATCDDFVQAMEDASNVDLSHFRRWYSQSGTPIVTVKDDYNPETEQYTLTISQRTPATPDQAEKQPLHI
PFAIELYDNEGKVIPLQKGGHPVNSVLNVTQAEQTFVFDNVYFQPVPALLCEFSAPVKLEYKWSDQQLTFLMRHARNDFS
RWDAAQSLLATYIKLNVARHQQGQPLSLPVHVADAFRAVLLDEKIDPALAAEILTLPSVNEMAELFDIIDPIAIAEVREA
LTRTLATELADELLAIYNANYQSEYRVEHEDIAKRTLRNACLRFLAFGETHLADVLVSKQFHEANNMTDALAALSAAVAA
QLPCRDALMQEYDDKWHQNGLVMDKWFILQATSPAANVLETVRGLLQHRSFTMSNPNRIRSLIGAFAGSNPAAFHAEDGS
GYLFLVEMLTDLNSRNPQVASRLIEPLIRLKRYDAKRQEKMRAALEQLKGLENLSGDLYEKITKALA
;
_entity_poly.pdbx_strand_id   A
#
# COMPACT_ATOMS: atom_id res chain seq x y z
N GLN A 1 -13.87 -15.19 -22.19
CA GLN A 1 -12.99 -14.23 -21.38
C GLN A 1 -13.52 -12.81 -21.32
N PRO A 2 -13.54 -12.21 -20.13
CA PRO A 2 -14.35 -11.02 -20.10
C PRO A 2 -13.64 -9.84 -20.74
N GLN A 3 -14.44 -8.81 -20.88
CA GLN A 3 -14.20 -7.69 -21.73
C GLN A 3 -13.78 -6.52 -20.86
N ALA A 4 -12.95 -5.66 -21.39
CA ALA A 4 -12.56 -4.46 -20.71
C ALA A 4 -13.74 -3.57 -20.54
N LYS A 5 -13.77 -2.79 -19.46
CA LYS A 5 -14.72 -1.70 -19.32
C LYS A 5 -13.99 -0.40 -19.39
N TYR A 6 -14.69 0.66 -19.76
CA TYR A 6 -14.04 1.91 -20.11
C TYR A 6 -14.64 3.00 -19.34
N ARG A 7 -13.82 3.86 -18.77
CA ARG A 7 -14.33 4.99 -18.00
C ARG A 7 -15.33 5.87 -18.68
N HIS A 8 -15.08 6.14 -19.95
CA HIS A 8 -15.90 7.04 -20.77
C HIS A 8 -17.30 6.48 -20.97
N ASP A 9 -17.49 5.19 -20.75
CA ASP A 9 -18.78 4.60 -20.84
C ASP A 9 -19.68 4.76 -19.67
N TYR A 10 -19.27 5.49 -18.65
CA TYR A 10 -20.13 5.57 -17.46
C TYR A 10 -21.49 6.12 -17.89
N ARG A 11 -22.58 5.58 -17.30
CA ARG A 11 -23.94 6.11 -17.40
C ARG A 11 -24.60 5.87 -16.05
N ALA A 12 -25.46 6.80 -15.72
CA ALA A 12 -26.22 6.81 -14.54
C ALA A 12 -27.13 5.57 -14.61
N PRO A 13 -27.41 4.98 -13.45
CA PRO A 13 -28.11 3.70 -13.41
C PRO A 13 -29.62 3.91 -13.73
N ASP A 14 -30.19 2.96 -14.46
CA ASP A 14 -31.59 2.98 -14.81
C ASP A 14 -32.44 2.84 -13.58
N TYR A 15 -31.93 2.20 -12.55
CA TYR A 15 -32.68 2.04 -11.32
C TYR A 15 -31.77 2.28 -10.14
N GLN A 16 -32.38 2.75 -9.09
CA GLN A 16 -31.79 2.93 -7.81
C GLN A 16 -32.51 2.05 -6.84
N ILE A 17 -31.81 1.70 -5.76
CA ILE A 17 -32.38 0.95 -4.66
C ILE A 17 -32.09 1.80 -3.48
N THR A 18 -33.13 2.15 -2.73
CA THR A 18 -33.00 3.12 -1.67
C THR A 18 -32.85 2.47 -0.31
N ASP A 19 -33.42 1.28 -0.14
CA ASP A 19 -33.47 0.62 1.14
C ASP A 19 -33.40 -0.85 0.85
N ILE A 20 -32.62 -1.55 1.62
CA ILE A 20 -32.57 -2.99 1.50
C ILE A 20 -32.58 -3.65 2.87
N ASP A 21 -33.41 -4.69 2.99
CA ASP A 21 -33.62 -5.43 4.18
C ASP A 21 -33.17 -6.84 3.86
N LEU A 22 -32.14 -7.27 4.55
CA LEU A 22 -31.49 -8.55 4.26
C LEU A 22 -31.70 -9.49 5.39
N THR A 23 -31.89 -10.76 5.10
CA THR A 23 -31.85 -11.78 6.13
C THR A 23 -30.93 -12.88 5.70
N PHE A 24 -30.09 -13.35 6.64
CA PHE A 24 -29.25 -14.47 6.40
C PHE A 24 -29.59 -15.58 7.36
N ASP A 25 -29.98 -16.69 6.78
CA ASP A 25 -29.93 -17.93 7.47
C ASP A 25 -28.60 -18.64 7.27
N LEU A 26 -27.71 -18.46 8.24
CA LEU A 26 -26.32 -18.66 8.04
C LEU A 26 -25.94 -20.04 8.34
N ASP A 27 -25.16 -20.62 7.45
CA ASP A 27 -24.53 -21.90 7.69
C ASP A 27 -23.36 -22.02 6.70
N ALA A 28 -22.28 -22.63 7.17
CA ALA A 28 -21.08 -22.73 6.33
C ALA A 28 -21.31 -23.38 4.99
N GLN A 29 -22.08 -24.47 4.97
CA GLN A 29 -22.31 -25.21 3.75
C GLN A 29 -23.35 -24.54 2.88
N LYS A 30 -24.41 -24.04 3.52
CA LYS A 30 -25.45 -23.42 2.78
C LYS A 30 -26.15 -22.25 3.48
N THR A 31 -25.93 -21.05 3.00
CA THR A 31 -26.54 -19.91 3.60
C THR A 31 -27.70 -19.48 2.72
N VAL A 32 -28.86 -19.21 3.30
CA VAL A 32 -29.99 -18.71 2.56
C VAL A 32 -30.08 -17.20 2.80
N VAL A 33 -30.13 -16.43 1.71
CA VAL A 33 -30.14 -14.97 1.80
C VAL A 33 -31.49 -14.51 1.32
N THR A 34 -32.16 -13.65 2.06
CA THR A 34 -33.41 -13.11 1.56
C THR A 34 -33.20 -11.61 1.53
N ALA A 35 -33.42 -10.98 0.38
CA ALA A 35 -33.13 -9.60 0.18
C ALA A 35 -34.37 -8.85 -0.35
N VAL A 36 -34.83 -7.88 0.41
CA VAL A 36 -36.00 -7.13 0.06
C VAL A 36 -35.56 -5.71 -0.19
N SER A 37 -35.58 -5.30 -1.44
CA SER A 37 -35.09 -4.03 -1.85
C SER A 37 -36.23 -3.14 -2.35
N GLN A 38 -36.22 -1.86 -1.93
CA GLN A 38 -37.08 -0.83 -2.54
C GLN A 38 -36.39 -0.11 -3.67
N ALA A 39 -36.97 -0.24 -4.84
CA ALA A 39 -36.37 0.24 -6.09
C ALA A 39 -37.15 1.36 -6.70
N VAL A 40 -36.43 2.20 -7.40
CA VAL A 40 -37.01 3.34 -8.09
C VAL A 40 -36.36 3.46 -9.46
N ARG A 41 -37.16 3.54 -10.49
CA ARG A 41 -36.64 3.71 -11.84
C ARG A 41 -36.30 5.17 -12.11
N HIS A 42 -35.13 5.41 -12.64
CA HIS A 42 -34.67 6.72 -13.04
C HIS A 42 -34.52 6.77 -14.55
N GLY A 43 -34.30 5.62 -15.21
CA GLY A 43 -34.06 5.67 -16.66
C GLY A 43 -35.33 5.51 -17.50
N ALA A 44 -35.18 5.08 -18.75
CA ALA A 44 -36.39 4.94 -19.59
C ALA A 44 -37.39 3.87 -19.05
N SER A 45 -38.68 4.09 -19.29
CA SER A 45 -39.79 3.24 -18.86
C SER A 45 -39.67 1.82 -19.25
N ASP A 46 -39.10 1.57 -20.38
CA ASP A 46 -38.96 0.22 -20.88
C ASP A 46 -37.62 -0.44 -20.50
N ALA A 47 -36.82 0.21 -19.65
CA ALA A 47 -35.53 -0.37 -19.29
C ALA A 47 -35.72 -1.50 -18.28
N PRO A 48 -35.11 -2.67 -18.52
CA PRO A 48 -35.16 -3.75 -17.58
C PRO A 48 -34.24 -3.40 -16.40
N LEU A 49 -34.47 -4.03 -15.26
CA LEU A 49 -33.57 -3.96 -14.16
C LEU A 49 -32.49 -5.03 -14.35
N ARG A 50 -31.23 -4.64 -14.37
CA ARG A 50 -30.12 -5.63 -14.53
C ARG A 50 -29.34 -5.77 -13.27
N LEU A 51 -29.48 -6.92 -12.64
CA LEU A 51 -28.85 -7.12 -11.38
C LEU A 51 -27.65 -8.01 -11.67
N ASN A 52 -26.56 -7.73 -10.95
CA ASN A 52 -25.34 -8.52 -11.02
C ASN A 52 -25.42 -9.65 -10.02
N GLY A 53 -24.92 -10.80 -10.39
CA GLY A 53 -24.85 -11.93 -9.43
C GLY A 53 -23.84 -12.94 -9.92
N GLU A 54 -23.13 -13.57 -9.00
CA GLU A 54 -22.15 -14.57 -9.35
C GLU A 54 -22.27 -15.72 -8.36
N ASP A 55 -22.33 -16.95 -8.89
CA ASP A 55 -22.33 -18.18 -8.11
C ASP A 55 -23.47 -18.18 -7.10
N LEU A 56 -24.64 -17.79 -7.55
CA LEU A 56 -25.79 -17.72 -6.68
C LEU A 56 -26.77 -18.81 -7.10
N LYS A 57 -27.43 -19.44 -6.13
CA LYS A 57 -28.50 -20.30 -6.49
C LYS A 57 -29.82 -19.58 -6.26
N LEU A 58 -30.50 -19.22 -7.32
CA LEU A 58 -31.73 -18.42 -7.24
C LEU A 58 -32.89 -19.29 -6.84
N VAL A 59 -33.61 -18.87 -5.83
CA VAL A 59 -34.68 -19.66 -5.29
C VAL A 59 -35.96 -18.97 -5.71
N SER A 60 -36.08 -17.67 -5.56
CA SER A 60 -37.29 -17.01 -6.02
C SER A 60 -37.16 -15.52 -6.25
N VAL A 61 -38.07 -15.00 -7.07
CA VAL A 61 -38.15 -13.60 -7.36
C VAL A 61 -39.57 -13.13 -7.28
N HIS A 62 -39.83 -12.15 -6.46
CA HIS A 62 -41.14 -11.50 -6.36
C HIS A 62 -40.97 -10.01 -6.48
N ILE A 63 -42.03 -9.39 -6.97
CA ILE A 63 -42.14 -7.98 -7.09
C ILE A 63 -43.47 -7.61 -6.45
N ASN A 64 -43.44 -6.77 -5.45
CA ASN A 64 -44.55 -6.55 -4.55
C ASN A 64 -45.28 -7.78 -4.10
N ASP A 65 -44.53 -8.79 -3.72
CA ASP A 65 -45.05 -10.10 -3.34
C ASP A 65 -45.70 -10.93 -4.43
N GLU A 66 -45.68 -10.45 -5.66
CA GLU A 66 -46.12 -11.26 -6.79
C GLU A 66 -44.90 -11.98 -7.36
N PRO A 67 -44.99 -13.30 -7.50
CA PRO A 67 -43.92 -14.07 -8.17
C PRO A 67 -43.83 -13.61 -9.60
N TRP A 68 -42.63 -13.34 -10.05
CA TRP A 68 -42.44 -12.62 -11.27
C TRP A 68 -42.11 -13.66 -12.33
N THR A 69 -42.63 -13.43 -13.54
CA THR A 69 -42.40 -14.39 -14.63
C THR A 69 -41.57 -13.74 -15.72
N ALA A 70 -41.49 -12.41 -15.67
CA ALA A 70 -40.78 -11.66 -16.71
C ALA A 70 -39.32 -11.38 -16.35
N TRP A 71 -38.54 -12.45 -16.32
CA TRP A 71 -37.10 -12.35 -15.99
C TRP A 71 -36.29 -13.41 -16.63
N LYS A 72 -35.00 -13.19 -16.72
CA LYS A 72 -34.16 -14.29 -17.08
C LYS A 72 -32.81 -14.14 -16.47
N GLU A 73 -32.15 -15.25 -16.21
CA GLU A 73 -30.76 -15.28 -15.82
C GLU A 73 -29.90 -15.33 -17.07
N GLU A 74 -28.84 -14.53 -17.12
CA GLU A 74 -27.82 -14.67 -18.09
CA GLU A 74 -27.82 -14.66 -18.10
C GLU A 74 -26.47 -14.63 -17.36
N GLU A 75 -25.38 -14.57 -18.09
CA GLU A 75 -24.06 -14.71 -17.52
C GLU A 75 -23.84 -13.56 -16.56
N GLY A 76 -23.64 -13.87 -15.27
CA GLY A 76 -23.37 -12.79 -14.29
C GLY A 76 -24.56 -11.88 -13.99
N ALA A 77 -25.77 -12.31 -14.32
CA ALA A 77 -26.88 -11.37 -14.18
C ALA A 77 -28.24 -11.95 -14.06
N LEU A 78 -29.11 -11.08 -13.58
CA LEU A 78 -30.52 -11.41 -13.55
C LEU A 78 -31.20 -10.20 -14.08
N VAL A 79 -31.95 -10.37 -15.17
CA VAL A 79 -32.51 -9.26 -15.94
C VAL A 79 -34.01 -9.36 -15.77
N ILE A 80 -34.59 -8.34 -15.20
CA ILE A 80 -35.99 -8.34 -14.88
C ILE A 80 -36.65 -7.24 -15.69
N SER A 81 -37.68 -7.63 -16.44
CA SER A 81 -38.43 -6.77 -17.36
C SER A 81 -39.78 -6.38 -16.90
N ASN A 82 -40.30 -5.31 -17.51
CA ASN A 82 -41.71 -4.95 -17.41
C ASN A 82 -42.12 -4.53 -16.02
N LEU A 83 -41.37 -3.61 -15.43
CA LEU A 83 -41.54 -3.25 -14.06
C LEU A 83 -42.24 -1.96 -13.87
N PRO A 84 -42.88 -1.81 -12.71
CA PRO A 84 -43.44 -0.53 -12.40
C PRO A 84 -42.30 0.41 -12.07
N GLU A 85 -42.64 1.65 -11.83
CA GLU A 85 -41.64 2.70 -11.64
C GLU A 85 -41.05 2.65 -10.24
N ARG A 86 -41.82 2.20 -9.27
CA ARG A 86 -41.41 1.97 -7.90
C ARG A 86 -41.98 0.64 -7.45
N PHE A 87 -41.21 -0.16 -6.74
CA PHE A 87 -41.66 -1.50 -6.33
C PHE A 87 -40.74 -2.09 -5.32
N THR A 88 -41.21 -3.08 -4.63
CA THR A 88 -40.41 -3.88 -3.76
C THR A 88 -39.94 -5.15 -4.47
N LEU A 89 -38.65 -5.34 -4.59
CA LEU A 89 -38.06 -6.53 -5.15
C LEU A 89 -37.68 -7.49 -4.02
N LYS A 90 -38.09 -8.73 -4.10
CA LYS A 90 -37.67 -9.69 -3.15
C LYS A 90 -37.02 -10.88 -3.79
N ILE A 91 -35.78 -11.16 -3.39
CA ILE A 91 -35.00 -12.24 -3.94
C ILE A 91 -34.63 -13.22 -2.82
N ILE A 92 -34.74 -14.50 -3.07
CA ILE A 92 -34.21 -15.50 -2.22
C ILE A 92 -33.22 -16.28 -3.02
N ASN A 93 -32.05 -16.50 -2.46
CA ASN A 93 -31.00 -17.26 -3.06
C ASN A 93 -30.12 -17.94 -2.06
N GLU A 94 -29.34 -18.90 -2.54
CA GLU A 94 -28.41 -19.60 -1.67
C GLU A 94 -27.02 -19.41 -2.12
N ILE A 95 -26.11 -19.46 -1.16
CA ILE A 95 -24.66 -19.46 -1.45
C ILE A 95 -23.98 -20.40 -0.48
N SER A 96 -22.68 -20.62 -0.68
CA SER A 96 -21.98 -21.61 0.08
C SER A 96 -20.63 -21.07 0.59
N PRO A 97 -20.63 -20.54 1.83
CA PRO A 97 -19.39 -19.93 2.27
C PRO A 97 -18.16 -20.81 2.30
N ALA A 98 -18.38 -22.07 2.55
CA ALA A 98 -17.28 -22.99 2.72
C ALA A 98 -16.62 -23.27 1.42
N ALA A 99 -17.31 -23.18 0.29
CA ALA A 99 -16.63 -23.40 -0.98
C ALA A 99 -15.89 -22.16 -1.43
N ASN A 100 -16.09 -21.01 -0.79
CA ASN A 100 -15.51 -19.74 -1.28
C ASN A 100 -14.01 -19.63 -0.93
N THR A 101 -13.11 -20.08 -1.80
CA THR A 101 -11.68 -20.00 -1.50
C THR A 101 -11.05 -18.69 -2.00
N ALA A 102 -11.79 -17.93 -2.81
CA ALA A 102 -11.30 -16.69 -3.38
C ALA A 102 -11.34 -15.56 -2.38
N LEU A 103 -12.13 -15.76 -1.33
CA LEU A 103 -12.21 -14.84 -0.21
C LEU A 103 -12.81 -13.53 -0.62
N GLU A 104 -13.84 -13.63 -1.41
CA GLU A 104 -14.62 -12.47 -1.79
C GLU A 104 -16.10 -12.80 -1.74
N GLY A 105 -16.92 -11.91 -1.21
CA GLY A 105 -18.24 -12.31 -0.78
C GLY A 105 -18.33 -12.80 0.66
N LEU A 106 -19.14 -13.82 0.88
CA LEU A 106 -19.25 -14.43 2.19
C LEU A 106 -18.43 -15.66 2.25
N TYR A 107 -17.47 -15.69 3.15
CA TYR A 107 -16.59 -16.86 3.20
C TYR A 107 -16.20 -17.23 4.62
N GLN A 108 -15.43 -18.28 4.74
CA GLN A 108 -15.13 -18.81 6.03
C GLN A 108 -13.68 -18.45 6.35
N SER A 109 -13.41 -17.93 7.55
CA SER A 109 -12.04 -17.64 8.02
C SER A 109 -11.84 -18.41 9.33
N GLY A 110 -11.12 -19.53 9.24
CA GLY A 110 -11.04 -20.50 10.31
C GLY A 110 -12.45 -20.97 10.66
N ASP A 111 -12.92 -20.67 11.85
CA ASP A 111 -14.32 -21.04 12.21
C ASP A 111 -15.29 -19.86 12.11
N ALA A 112 -14.79 -18.67 11.81
CA ALA A 112 -15.64 -17.57 11.59
C ALA A 112 -16.22 -17.49 10.16
N LEU A 113 -17.34 -16.81 10.03
CA LEU A 113 -17.87 -16.35 8.75
C LEU A 113 -17.71 -14.87 8.68
N CYS A 114 -17.14 -14.39 7.57
CA CYS A 114 -17.02 -12.94 7.33
C CYS A 114 -17.13 -12.62 5.84
N THR A 115 -17.23 -11.34 5.53
CA THR A 115 -17.36 -10.84 4.21
C THR A 115 -16.23 -9.97 3.74
N GLN A 116 -16.07 -9.95 2.41
CA GLN A 116 -15.27 -8.92 1.72
C GLN A 116 -16.03 -8.57 0.48
N CYS A 117 -16.65 -7.38 0.45
CA CYS A 117 -17.47 -6.97 -0.68
C CYS A 117 -16.77 -5.99 -1.63
N GLU A 118 -15.73 -5.28 -1.23
CA GLU A 118 -15.07 -4.40 -2.26
C GLU A 118 -14.16 -5.27 -3.12
N ALA A 119 -14.16 -5.05 -4.43
CA ALA A 119 -14.99 -4.10 -5.17
C ALA A 119 -16.41 -4.57 -5.48
N GLU A 120 -16.48 -5.80 -5.94
CA GLU A 120 -17.66 -6.41 -6.54
C GLU A 120 -17.96 -7.79 -5.94
N GLY A 121 -17.82 -7.87 -4.65
CA GLY A 121 -18.11 -9.09 -3.90
C GLY A 121 -19.55 -9.21 -3.47
N PHE A 122 -20.28 -8.10 -3.34
CA PHE A 122 -21.65 -8.24 -2.84
C PHE A 122 -22.52 -9.08 -3.77
N ARG A 123 -22.23 -9.02 -5.06
CA ARG A 123 -22.93 -9.78 -6.07
C ARG A 123 -22.67 -11.26 -5.89
N HIS A 124 -21.67 -11.63 -5.11
CA HIS A 124 -21.52 -13.02 -4.74
C HIS A 124 -22.40 -13.40 -3.57
N ILE A 125 -23.14 -12.47 -3.01
CA ILE A 125 -23.99 -12.78 -1.88
C ILE A 125 -25.49 -12.80 -2.30
N THR A 126 -25.92 -11.80 -3.07
CA THR A 126 -27.25 -11.77 -3.65
C THR A 126 -27.24 -10.99 -5.01
N TYR A 127 -28.31 -11.06 -5.78
CA TYR A 127 -28.45 -10.31 -7.01
C TYR A 127 -28.72 -8.84 -6.64
N TYR A 128 -27.92 -7.90 -7.18
CA TYR A 128 -28.00 -6.54 -6.72
C TYR A 128 -27.37 -5.62 -7.71
N LEU A 129 -27.64 -4.33 -7.52
CA LEU A 129 -26.97 -3.28 -8.30
C LEU A 129 -25.61 -3.05 -7.65
N ASP A 130 -24.67 -3.94 -7.98
CA ASP A 130 -23.34 -3.91 -7.32
C ASP A 130 -22.46 -2.92 -8.07
N ARG A 131 -22.76 -1.67 -7.79
CA ARG A 131 -22.07 -0.51 -8.32
C ARG A 131 -22.17 0.63 -7.29
N PRO A 132 -21.11 1.41 -7.10
CA PRO A 132 -20.99 2.21 -5.92
C PRO A 132 -21.73 3.54 -5.99
N ASP A 133 -22.35 3.84 -7.12
CA ASP A 133 -23.25 5.01 -7.20
C ASP A 133 -24.70 4.67 -6.83
N VAL A 134 -24.99 3.42 -6.48
CA VAL A 134 -26.27 3.03 -5.90
C VAL A 134 -26.10 2.91 -4.37
N LEU A 135 -26.78 3.79 -3.67
CA LEU A 135 -26.69 3.96 -2.24
C LEU A 135 -28.01 3.68 -1.53
N ALA A 136 -27.94 2.75 -0.61
CA ALA A 136 -29.12 2.24 0.08
C ALA A 136 -28.96 2.23 1.57
N ARG A 137 -30.08 2.36 2.29
CA ARG A 137 -30.12 2.22 3.72
C ARG A 137 -30.30 0.78 3.99
N PHE A 138 -29.32 0.12 4.63
CA PHE A 138 -29.39 -1.31 4.95
C PHE A 138 -29.96 -1.62 6.37
N THR A 139 -30.72 -2.73 6.45
CA THR A 139 -31.11 -3.37 7.65
C THR A 139 -30.82 -4.85 7.45
N THR A 140 -30.07 -5.45 8.40
CA THR A 140 -29.55 -6.76 8.23
C THR A 140 -29.85 -7.66 9.42
N LYS A 141 -30.56 -8.75 9.16
CA LYS A 141 -30.91 -9.74 10.15
C LYS A 141 -30.10 -10.98 9.90
N ILE A 142 -29.44 -11.45 10.94
CA ILE A 142 -28.60 -12.61 10.88
C ILE A 142 -29.12 -13.69 11.85
N ILE A 143 -29.32 -14.91 11.32
CA ILE A 143 -29.79 -16.03 12.07
C ILE A 143 -28.76 -17.12 11.98
N ALA A 144 -28.41 -17.69 13.13
CA ALA A 144 -27.39 -18.67 13.16
C ALA A 144 -27.34 -19.50 14.45
N ASP A 145 -26.58 -20.57 14.35
CA ASP A 145 -26.35 -21.46 15.50
C ASP A 145 -25.66 -20.68 16.60
N LYS A 146 -26.28 -20.72 17.79
CA LYS A 146 -25.82 -19.96 18.95
C LYS A 146 -24.46 -20.38 19.48
N ILE A 147 -24.14 -21.66 19.41
CA ILE A 147 -22.88 -22.13 19.95
C ILE A 147 -21.71 -21.84 19.00
N LYS A 148 -21.88 -22.12 17.73
CA LYS A 148 -20.85 -21.80 16.73
C LYS A 148 -20.67 -20.29 16.55
N TYR A 149 -21.78 -19.55 16.56
CA TYR A 149 -21.72 -18.16 16.19
C TYR A 149 -22.41 -17.31 17.21
N PRO A 150 -21.84 -17.21 18.41
CA PRO A 150 -22.48 -16.38 19.39
C PRO A 150 -22.46 -14.90 19.08
N PHE A 151 -21.52 -14.46 18.24
CA PHE A 151 -21.50 -13.05 17.85
C PHE A 151 -21.95 -12.92 16.39
N LEU A 152 -22.96 -12.06 16.14
CA LEU A 152 -23.55 -11.87 14.84
C LEU A 152 -23.55 -10.35 14.58
N LEU A 153 -22.63 -9.91 13.73
CA LEU A 153 -22.35 -8.49 13.56
C LEU A 153 -22.65 -8.05 12.14
N SER A 154 -23.22 -6.85 11.98
CA SER A 154 -23.20 -6.21 10.66
C SER A 154 -23.08 -4.70 10.91
N ASN A 155 -23.16 -3.87 9.86
CA ASN A 155 -22.96 -2.40 9.97
C ASN A 155 -24.05 -1.78 10.87
N GLY A 156 -23.67 -0.79 11.68
CA GLY A 156 -24.60 0.08 12.31
C GLY A 156 -24.89 -0.26 13.77
N ASN A 157 -26.16 -0.21 14.13
CA ASN A 157 -26.52 -0.50 15.52
C ASN A 157 -27.41 -1.71 15.64
N ARG A 158 -27.47 -2.38 16.79
CA ARG A 158 -28.38 -3.48 17.01
C ARG A 158 -29.75 -2.92 17.21
N VAL A 159 -30.75 -3.33 16.44
CA VAL A 159 -32.07 -2.83 16.71
C VAL A 159 -33.08 -3.93 17.16
N ALA A 160 -32.73 -5.21 17.05
CA ALA A 160 -33.63 -6.33 17.45
C ALA A 160 -32.78 -7.54 17.60
N GLN A 161 -33.30 -8.49 18.37
CA GLN A 161 -32.63 -9.70 18.64
C GLN A 161 -33.59 -10.68 19.25
N GLY A 162 -33.36 -11.96 19.04
CA GLY A 162 -34.25 -12.99 19.57
C GLY A 162 -33.56 -14.36 19.60
N GLU A 163 -34.24 -15.32 20.24
CA GLU A 163 -33.80 -16.68 20.29
C GLU A 163 -34.81 -17.49 19.52
N LEU A 164 -34.35 -18.61 19.02
CA LEU A 164 -35.18 -19.50 18.28
C LEU A 164 -34.99 -20.93 18.80
N GLU A 165 -35.82 -21.83 18.32
CA GLU A 165 -35.62 -23.21 18.67
C GLU A 165 -34.42 -23.80 17.94
N ASN A 166 -34.02 -24.96 18.44
CA ASN A 166 -32.88 -25.73 17.98
C ASN A 166 -31.58 -25.00 18.13
N GLY A 167 -31.50 -24.19 19.19
CA GLY A 167 -30.25 -23.50 19.55
C GLY A 167 -29.73 -22.46 18.54
N ARG A 168 -30.65 -21.75 17.93
CA ARG A 168 -30.37 -20.70 17.06
C ARG A 168 -30.77 -19.41 17.69
N HIS A 169 -30.13 -18.39 17.20
CA HIS A 169 -30.48 -17.03 17.58
C HIS A 169 -30.25 -16.04 16.46
N TRP A 170 -30.73 -14.82 16.61
CA TRP A 170 -30.54 -13.81 15.62
C TRP A 170 -30.39 -12.42 16.16
N VAL A 171 -29.77 -11.57 15.35
CA VAL A 171 -29.57 -10.17 15.69
C VAL A 171 -29.88 -9.43 14.42
N GLN A 172 -30.55 -8.27 14.54
CA GLN A 172 -30.80 -7.42 13.43
C GLN A 172 -30.13 -6.08 13.70
N TRP A 173 -29.46 -5.57 12.67
CA TRP A 173 -28.68 -4.37 12.64
C TRP A 173 -29.29 -3.36 11.66
N GLN A 174 -29.06 -2.11 11.91
CA GLN A 174 -29.50 -1.09 11.03
C GLN A 174 -28.46 0.03 10.96
N ASP A 175 -28.17 0.48 9.77
CA ASP A 175 -27.15 1.49 9.58
C ASP A 175 -27.92 2.62 8.88
N PRO A 176 -28.05 3.77 9.53
CA PRO A 176 -28.80 4.87 8.95
C PRO A 176 -28.14 5.54 7.74
N PHE A 177 -26.87 5.32 7.50
CA PHE A 177 -26.27 6.01 6.35
C PHE A 177 -26.42 5.21 5.12
N PRO A 178 -26.96 5.82 4.07
CA PRO A 178 -26.99 5.14 2.79
C PRO A 178 -25.56 4.79 2.34
N LYS A 179 -25.40 3.61 1.76
CA LYS A 179 -24.14 3.11 1.37
C LYS A 179 -24.19 2.26 0.11
N PRO A 180 -23.15 2.34 -0.67
CA PRO A 180 -22.96 1.36 -1.72
C PRO A 180 -22.69 0.06 -1.11
N CYS A 181 -23.01 -0.99 -1.83
CA CYS A 181 -22.89 -2.27 -1.21
C CYS A 181 -21.47 -2.77 -0.95
N TYR A 182 -20.45 -2.13 -1.53
CA TYR A 182 -19.10 -2.65 -1.27
C TYR A 182 -18.76 -2.40 0.20
N LEU A 183 -19.56 -1.58 0.87
CA LEU A 183 -19.34 -1.31 2.27
C LEU A 183 -20.18 -2.15 3.24
N PHE A 184 -20.95 -3.07 2.72
CA PHE A 184 -21.64 -4.05 3.53
C PHE A 184 -20.65 -4.97 4.21
N ALA A 185 -20.95 -5.35 5.48
CA ALA A 185 -20.17 -6.37 6.13
C ALA A 185 -21.02 -7.22 7.01
N LEU A 186 -20.62 -8.47 7.14
CA LEU A 186 -21.27 -9.38 8.06
C LEU A 186 -20.16 -10.22 8.66
N VAL A 187 -20.20 -10.42 9.97
CA VAL A 187 -19.28 -11.34 10.63
C VAL A 187 -20.10 -12.21 11.61
N ALA A 188 -19.77 -13.49 11.69
CA ALA A 188 -20.36 -14.37 12.66
C ALA A 188 -19.30 -15.26 13.23
N GLY A 189 -19.29 -15.40 14.55
CA GLY A 189 -18.20 -16.22 15.08
C GLY A 189 -18.13 -16.09 16.55
N ASP A 190 -17.10 -16.69 17.09
CA ASP A 190 -16.89 -16.69 18.55
C ASP A 190 -15.54 -16.03 18.83
N PHE A 191 -15.56 -14.94 19.54
CA PHE A 191 -14.40 -14.06 19.64
C PHE A 191 -14.19 -13.61 21.11
N ASP A 192 -12.95 -13.29 21.46
CA ASP A 192 -12.69 -12.39 22.57
C ASP A 192 -12.93 -10.98 22.07
N VAL A 193 -13.43 -10.11 22.94
CA VAL A 193 -13.70 -8.73 22.58
C VAL A 193 -13.02 -7.80 23.59
N LEU A 194 -12.25 -6.85 23.11
CA LEU A 194 -11.70 -5.74 23.91
C LEU A 194 -12.66 -4.56 23.65
N ARG A 195 -13.18 -3.98 24.71
CA ARG A 195 -14.12 -2.87 24.60
CA ARG A 195 -14.12 -2.87 24.59
C ARG A 195 -13.52 -1.65 25.24
N ASP A 196 -13.79 -0.50 24.67
CA ASP A 196 -13.22 0.72 25.24
C ASP A 196 -14.14 1.80 24.75
N THR A 197 -13.76 3.05 24.96
CA THR A 197 -14.62 4.19 24.62
C THR A 197 -13.76 5.33 24.11
N PHE A 198 -14.25 6.07 23.14
CA PHE A 198 -13.69 7.34 22.76
C PHE A 198 -14.81 8.39 22.86
N THR A 199 -14.46 9.56 23.39
CA THR A 199 -15.39 10.65 23.50
C THR A 199 -15.00 11.74 22.54
N THR A 200 -15.86 12.08 21.60
CA THR A 200 -15.45 13.01 20.57
C THR A 200 -15.38 14.40 21.17
N ARG A 201 -14.78 15.32 20.44
CA ARG A 201 -14.57 16.62 21.02
C ARG A 201 -15.92 17.35 21.30
N SER A 202 -17.02 17.01 20.65
CA SER A 202 -18.28 17.66 20.97
C SER A 202 -19.06 16.89 22.02
N GLY A 203 -18.45 15.84 22.57
CA GLY A 203 -18.96 15.10 23.72
C GLY A 203 -19.71 13.82 23.40
N ARG A 204 -19.69 13.36 22.19
CA ARG A 204 -20.32 12.08 21.86
C ARG A 204 -19.41 10.92 22.24
N GLU A 205 -19.99 9.99 22.99
CA GLU A 205 -19.30 8.81 23.47
CA GLU A 205 -19.27 8.85 23.44
C GLU A 205 -19.46 7.68 22.48
N VAL A 206 -18.36 7.16 21.99
CA VAL A 206 -18.41 6.07 21.02
C VAL A 206 -17.94 4.81 21.63
N ALA A 207 -18.72 3.77 21.52
CA ALA A 207 -18.29 2.52 21.99
C ALA A 207 -17.33 1.90 20.96
N LEU A 208 -16.15 1.47 21.39
CA LEU A 208 -15.17 0.78 20.55
C LEU A 208 -15.07 -0.66 20.89
N GLU A 209 -15.12 -1.53 19.88
CA GLU A 209 -15.12 -2.97 20.10
C GLU A 209 -14.20 -3.64 19.13
N LEU A 210 -13.22 -4.35 19.66
CA LEU A 210 -12.28 -5.10 18.84
C LEU A 210 -12.43 -6.58 19.11
N TYR A 211 -12.84 -7.31 18.10
CA TYR A 211 -13.09 -8.71 18.11
C TYR A 211 -11.89 -9.44 17.60
N VAL A 212 -11.36 -10.36 18.37
CA VAL A 212 -10.21 -11.18 17.95
C VAL A 212 -10.50 -12.67 18.28
N ASP A 213 -9.74 -13.57 17.64
CA ASP A 213 -9.93 -14.96 17.97
C ASP A 213 -9.66 -15.16 19.45
N ARG A 214 -10.37 -16.13 20.03
CA ARG A 214 -10.16 -16.58 21.40
C ARG A 214 -8.67 -16.85 21.69
N GLY A 215 -8.16 -16.32 22.80
CA GLY A 215 -6.77 -16.45 23.14
C GLY A 215 -5.97 -15.27 22.60
N ASN A 216 -6.53 -14.36 21.78
CA ASN A 216 -5.67 -13.27 21.24
C ASN A 216 -5.84 -11.92 21.87
N LEU A 217 -6.57 -11.92 22.97
CA LEU A 217 -6.91 -10.65 23.59
C LEU A 217 -5.69 -9.87 24.08
N ASP A 218 -4.63 -10.59 24.45
CA ASP A 218 -3.39 -9.96 24.90
C ASP A 218 -2.68 -9.17 23.77
N ARG A 219 -3.13 -9.37 22.50
CA ARG A 219 -2.52 -8.67 21.39
C ARG A 219 -3.36 -7.58 20.81
N ALA A 220 -4.41 -7.23 21.51
CA ALA A 220 -5.33 -6.17 21.08
C ALA A 220 -5.11 -4.72 21.54
N PRO A 221 -4.51 -4.47 22.69
CA PRO A 221 -4.51 -3.07 23.17
C PRO A 221 -3.81 -2.08 22.25
N TRP A 222 -2.74 -2.46 21.58
CA TRP A 222 -2.10 -1.44 20.72
C TRP A 222 -3.06 -0.93 19.61
N ALA A 223 -3.80 -1.88 19.04
CA ALA A 223 -4.72 -1.54 17.95
C ALA A 223 -5.83 -0.60 18.46
N MET A 224 -6.33 -0.90 19.65
CA MET A 224 -7.34 -0.06 20.26
C MET A 224 -6.79 1.31 20.54
N THR A 225 -5.58 1.35 21.09
CA THR A 225 -4.92 2.62 21.28
C THR A 225 -4.79 3.41 19.97
N SER A 226 -4.35 2.74 18.90
CA SER A 226 -4.16 3.43 17.62
C SER A 226 -5.50 3.95 17.08
N LEU A 227 -6.59 3.25 17.40
CA LEU A 227 -7.86 3.69 16.88
C LEU A 227 -8.23 4.99 17.54
N LYS A 228 -8.01 5.06 18.85
CA LYS A 228 -8.27 6.31 19.56
C LYS A 228 -7.39 7.42 19.09
N ASN A 229 -6.12 7.11 18.90
CA ASN A 229 -5.24 8.11 18.33
C ASN A 229 -5.71 8.57 16.99
N SER A 230 -6.21 7.69 16.15
CA SER A 230 -6.78 8.06 14.83
C SER A 230 -7.96 8.96 14.93
N MET A 231 -8.89 8.66 15.83
CA MET A 231 -10.10 9.48 15.98
C MET A 231 -9.73 10.89 16.44
N LYS A 232 -8.86 10.97 17.42
CA LYS A 232 -8.36 12.25 17.90
C LYS A 232 -7.64 13.09 16.84
N TRP A 233 -6.74 12.45 16.08
CA TRP A 233 -6.04 13.16 15.02
C TRP A 233 -6.98 13.64 13.94
N ASP A 234 -7.95 12.81 13.54
CA ASP A 234 -8.81 13.31 12.47
C ASP A 234 -9.62 14.53 12.96
N GLU A 235 -9.91 14.59 14.25
CA GLU A 235 -10.57 15.76 14.80
C GLU A 235 -9.67 16.98 14.72
N GLU A 236 -8.47 16.83 15.18
CA GLU A 236 -7.55 17.95 15.28
C GLU A 236 -7.07 18.50 13.95
N ARG A 237 -6.76 17.59 13.05
CA ARG A 237 -6.15 17.98 11.79
C ARG A 237 -7.19 18.32 10.75
N PHE A 238 -8.26 17.51 10.67
CA PHE A 238 -9.24 17.68 9.62
C PHE A 238 -10.62 18.14 10.10
N GLY A 239 -10.83 18.19 11.41
CA GLY A 239 -12.10 18.60 11.96
C GLY A 239 -13.21 17.61 11.87
N LEU A 240 -12.86 16.35 11.78
CA LEU A 240 -13.85 15.29 11.46
C LEU A 240 -14.07 14.45 12.67
N GLU A 241 -15.34 14.23 13.05
CA GLU A 241 -15.68 13.30 14.10
C GLU A 241 -16.36 12.05 13.55
N TYR A 242 -16.26 10.99 14.32
CA TYR A 242 -17.01 9.80 14.01
C TYR A 242 -18.49 10.11 14.17
N ASP A 243 -19.28 9.40 13.36
CA ASP A 243 -20.68 9.77 13.07
C ASP A 243 -21.68 8.71 13.50
N LEU A 244 -21.21 7.65 14.20
CA LEU A 244 -22.05 6.59 14.71
C LEU A 244 -21.69 6.39 16.17
N ASP A 245 -22.40 5.48 16.79
CA ASP A 245 -22.31 5.20 18.24
C ASP A 245 -21.37 4.08 18.56
N ILE A 246 -21.14 3.23 17.60
CA ILE A 246 -20.26 2.14 17.78
C ILE A 246 -19.31 1.97 16.59
N TYR A 247 -18.07 1.56 16.90
CA TYR A 247 -17.03 1.28 15.97
C TYR A 247 -16.50 -0.11 16.32
N MET A 248 -16.83 -1.09 15.47
CA MET A 248 -16.32 -2.40 15.53
C MET A 248 -15.21 -2.65 14.56
N ILE A 249 -14.22 -3.41 15.01
CA ILE A 249 -13.17 -3.96 14.22
C ILE A 249 -13.07 -5.45 14.49
N VAL A 250 -13.00 -6.26 13.42
CA VAL A 250 -12.83 -7.69 13.57
C VAL A 250 -11.52 -8.08 12.91
N ALA A 251 -10.62 -8.74 13.64
CA ALA A 251 -9.42 -9.30 13.11
C ALA A 251 -9.66 -10.72 12.66
N VAL A 252 -9.43 -10.98 11.38
CA VAL A 252 -9.57 -12.34 10.85
C VAL A 252 -8.25 -12.79 10.22
N ASP A 253 -8.01 -14.10 10.16
CA ASP A 253 -6.73 -14.61 9.69
C ASP A 253 -6.63 -14.79 8.21
N PHE A 254 -7.78 -15.02 7.55
CA PHE A 254 -7.86 -15.28 6.10
C PHE A 254 -8.45 -14.03 5.46
N PHE A 255 -7.58 -13.28 4.81
CA PHE A 255 -7.97 -12.00 4.24
C PHE A 255 -6.99 -11.66 3.16
N ASN A 256 -7.50 -11.28 1.97
CA ASN A 256 -6.60 -10.98 0.87
C ASN A 256 -5.87 -9.66 0.98
N ALA A 257 -6.54 -8.62 1.44
CA ALA A 257 -5.76 -7.36 1.56
C ALA A 257 -5.35 -7.06 3.05
N GLY A 258 -5.04 -5.82 3.39
CA GLY A 258 -4.70 -5.47 4.73
C GLY A 258 -5.93 -5.28 5.63
N ALA A 259 -6.92 -4.62 5.10
CA ALA A 259 -8.10 -4.40 5.89
C ALA A 259 -9.19 -3.80 5.03
N MET A 260 -10.36 -3.54 5.60
CA MET A 260 -11.47 -3.00 4.79
C MET A 260 -12.33 -2.07 5.62
N GLU A 261 -12.65 -0.93 5.05
CA GLU A 261 -13.36 0.14 5.79
C GLU A 261 -14.90 0.05 5.94
N ASN A 262 -15.42 -1.14 6.12
CA ASN A 262 -16.88 -1.28 6.10
C ASN A 262 -17.49 -0.46 7.17
N LYS A 263 -18.57 0.25 6.89
CA LYS A 263 -19.00 1.34 7.77
C LYS A 263 -19.33 0.78 9.15
N GLY A 264 -18.68 1.27 10.19
CA GLY A 264 -18.92 0.85 11.56
C GLY A 264 -18.45 -0.55 11.85
N LEU A 265 -17.86 -1.23 10.88
CA LEU A 265 -17.52 -2.64 11.11
C LEU A 265 -16.38 -3.02 10.26
N ASN A 266 -15.25 -2.45 10.50
CA ASN A 266 -14.10 -2.73 9.69
C ASN A 266 -13.72 -4.20 9.96
N ILE A 267 -13.22 -4.84 8.92
CA ILE A 267 -12.64 -6.17 8.99
C ILE A 267 -11.20 -6.02 8.57
N PHE A 268 -10.29 -6.55 9.42
CA PHE A 268 -8.87 -6.43 9.28
C PHE A 268 -8.20 -7.76 9.15
N ASN A 269 -7.22 -7.83 8.26
CA ASN A 269 -6.19 -8.90 8.35
C ASN A 269 -5.55 -8.80 9.72
N SER A 270 -5.48 -9.92 10.42
CA SER A 270 -4.88 -9.93 11.76
CA SER A 270 -4.87 -9.99 11.75
C SER A 270 -3.47 -9.38 11.80
N LYS A 271 -2.78 -9.42 10.67
CA LYS A 271 -1.44 -8.78 10.57
C LYS A 271 -1.45 -7.35 10.98
N TYR A 272 -2.54 -6.64 10.74
CA TYR A 272 -2.61 -5.23 11.05
C TYR A 272 -3.45 -4.96 12.28
N VAL A 273 -3.50 -5.91 13.21
CA VAL A 273 -4.12 -5.69 14.53
C VAL A 273 -3.26 -6.24 15.64
N LEU A 274 -2.78 -7.48 15.51
CA LEU A 274 -2.26 -8.16 16.65
C LEU A 274 -0.82 -7.81 16.90
N ALA A 275 -0.53 -7.36 18.11
CA ALA A 275 0.84 -7.02 18.49
C ALA A 275 1.06 -7.17 19.98
N ARG A 276 2.20 -7.77 20.35
CA ARG A 276 2.77 -7.69 21.70
C ARG A 276 4.25 -7.51 21.46
N THR A 277 5.00 -7.14 22.49
CA THR A 277 6.37 -6.70 22.24
C THR A 277 7.28 -7.90 21.90
N ASP A 278 6.88 -9.11 22.23
CA ASP A 278 7.69 -10.30 21.86
C ASP A 278 7.28 -10.90 20.49
N THR A 279 6.15 -10.47 19.94
CA THR A 279 5.70 -10.93 18.64
C THR A 279 5.81 -9.98 17.48
N ALA A 280 5.91 -8.69 17.77
CA ALA A 280 5.76 -7.73 16.75
C ALA A 280 6.90 -6.77 16.82
N THR A 281 7.31 -6.26 15.65
CA THR A 281 8.37 -5.30 15.56
C THR A 281 7.88 -3.89 15.66
N ASP A 282 8.81 -2.96 15.82
CA ASP A 282 8.49 -1.56 15.74
C ASP A 282 7.75 -1.26 14.45
N LYS A 283 8.23 -1.82 13.35
CA LYS A 283 7.59 -1.68 12.03
C LYS A 283 6.16 -2.21 12.06
N ASP A 284 5.95 -3.37 12.66
CA ASP A 284 4.56 -3.85 12.82
C ASP A 284 3.70 -2.85 13.59
N TYR A 285 4.22 -2.34 14.70
CA TYR A 285 3.49 -1.37 15.50
C TYR A 285 3.11 -0.18 14.63
N LEU A 286 4.06 0.39 13.91
CA LEU A 286 3.76 1.54 13.12
C LEU A 286 2.90 1.20 11.86
N ASP A 287 2.98 -0.02 11.36
CA ASP A 287 2.03 -0.48 10.34
C ASP A 287 0.63 -0.62 10.88
N ILE A 288 0.47 -1.20 12.09
CA ILE A 288 -0.84 -1.31 12.69
C ILE A 288 -1.41 0.07 12.86
N GLU A 289 -0.60 0.98 13.37
CA GLU A 289 -1.06 2.31 13.50
C GLU A 289 -1.57 2.88 12.14
N ARG A 290 -0.77 2.66 11.10
CA ARG A 290 -1.05 3.25 9.81
C ARG A 290 -2.38 2.75 9.30
N VAL A 291 -2.56 1.44 9.37
CA VAL A 291 -3.67 0.80 8.74
C VAL A 291 -4.97 1.00 9.54
N ILE A 292 -4.94 0.91 10.86
CA ILE A 292 -6.07 1.33 11.70
C ILE A 292 -6.45 2.78 11.33
N GLY A 293 -5.45 3.68 11.20
CA GLY A 293 -5.76 5.03 10.85
C GLY A 293 -6.44 5.05 9.51
N HIS A 294 -5.80 4.41 8.56
CA HIS A 294 -6.30 4.43 7.16
C HIS A 294 -7.80 4.05 7.10
N GLU A 295 -8.16 2.92 7.69
CA GLU A 295 -9.51 2.45 7.61
C GLU A 295 -10.44 3.43 8.36
N TYR A 296 -9.93 4.01 9.43
CA TYR A 296 -10.73 4.96 10.17
C TYR A 296 -10.95 6.19 9.29
N PHE A 297 -9.90 6.67 8.62
CA PHE A 297 -10.00 7.90 7.78
C PHE A 297 -10.94 7.73 6.62
N HIS A 298 -11.07 6.49 6.14
CA HIS A 298 -12.04 6.19 5.12
C HIS A 298 -13.46 6.53 5.50
N ASN A 299 -13.74 6.65 6.79
CA ASN A 299 -15.11 6.90 7.20
C ASN A 299 -15.66 8.15 6.57
N TRP A 300 -14.78 9.13 6.39
CA TRP A 300 -15.18 10.30 5.63
C TRP A 300 -14.74 10.20 4.19
N THR A 301 -13.46 9.90 3.95
CA THR A 301 -12.99 9.95 2.57
C THR A 301 -13.13 8.52 1.98
N GLY A 302 -14.35 8.22 1.48
CA GLY A 302 -14.71 6.87 1.10
C GLY A 302 -16.16 6.49 1.45
N ASN A 303 -16.59 6.71 2.70
CA ASN A 303 -17.90 6.21 3.16
C ASN A 303 -18.95 7.38 3.09
N ARG A 304 -18.71 8.47 3.80
CA ARG A 304 -19.59 9.64 3.74
C ARG A 304 -19.54 10.27 2.35
N VAL A 305 -18.39 10.27 1.69
CA VAL A 305 -18.32 10.56 0.29
C VAL A 305 -17.69 9.38 -0.38
N THR A 306 -18.47 8.69 -1.25
CA THR A 306 -17.98 7.47 -1.90
C THR A 306 -17.61 7.74 -3.36
N CYS A 307 -17.47 6.70 -4.14
CA CYS A 307 -16.95 6.78 -5.53
C CYS A 307 -18.07 6.53 -6.48
N ARG A 308 -18.21 7.40 -7.47
CA ARG A 308 -19.24 7.21 -8.50
C ARG A 308 -19.10 5.92 -9.25
N ASP A 309 -17.84 5.49 -9.46
CA ASP A 309 -17.57 4.30 -10.24
C ASP A 309 -16.18 3.89 -9.86
N TRP A 310 -15.80 2.65 -10.14
CA TRP A 310 -14.50 2.17 -9.75
C TRP A 310 -13.25 2.83 -10.42
N PHE A 311 -13.44 3.51 -11.53
CA PHE A 311 -12.36 4.24 -12.12
C PHE A 311 -12.01 5.43 -11.23
N GLN A 312 -12.92 5.85 -10.37
CA GLN A 312 -12.59 6.87 -9.39
C GLN A 312 -11.97 6.34 -8.08
N LEU A 313 -11.47 5.12 -8.05
CA LEU A 313 -10.92 4.60 -6.81
C LEU A 313 -9.93 5.49 -6.10
N SER A 314 -9.04 6.17 -6.83
CA SER A 314 -8.05 7.01 -6.21
C SER A 314 -8.68 8.16 -5.49
N LEU A 315 -9.93 8.55 -5.83
CA LEU A 315 -10.62 9.61 -5.10
C LEU A 315 -10.64 9.28 -3.61
N LYS A 316 -10.87 8.00 -3.28
CA LYS A 316 -10.82 7.65 -1.91
C LYS A 316 -9.46 7.12 -1.47
N GLU A 317 -8.79 6.37 -2.34
CA GLU A 317 -7.53 5.72 -1.89
C GLU A 317 -6.32 6.64 -1.83
N GLY A 318 -6.19 7.52 -2.79
CA GLY A 318 -5.06 8.49 -2.76
C GLY A 318 -5.22 9.41 -1.56
N LEU A 319 -6.44 9.93 -1.41
CA LEU A 319 -6.76 10.81 -0.35
C LEU A 319 -6.62 10.17 0.98
N THR A 320 -7.06 8.92 1.10
CA THR A 320 -6.99 8.23 2.40
C THR A 320 -5.53 7.82 2.72
N VAL A 321 -4.80 7.42 1.70
CA VAL A 321 -3.38 7.20 1.89
C VAL A 321 -2.68 8.52 2.29
N PHE A 322 -3.04 9.61 1.65
CA PHE A 322 -2.41 10.89 2.07
C PHE A 322 -2.72 11.13 3.55
N ARG A 323 -3.97 10.89 3.95
CA ARG A 323 -4.34 11.05 5.33
C ARG A 323 -3.59 10.10 6.26
N ASP A 324 -3.47 8.85 5.94
CA ASP A 324 -2.72 7.98 6.82
C ASP A 324 -1.26 8.44 6.93
N GLN A 325 -0.69 9.02 5.88
CA GLN A 325 0.67 9.39 5.95
C GLN A 325 0.80 10.65 6.80
N GLU A 326 -0.11 11.60 6.66
CA GLU A 326 -0.08 12.79 7.49
C GLU A 326 -0.30 12.45 8.97
N PHE A 327 -1.12 11.46 9.22
CA PHE A 327 -1.32 10.98 10.60
C PHE A 327 -0.03 10.38 11.18
N SER A 328 0.54 9.40 10.49
CA SER A 328 1.82 8.82 10.92
C SER A 328 2.91 9.88 11.09
N SER A 329 2.92 10.83 10.15
CA SER A 329 3.91 11.86 10.17
C SER A 329 3.80 12.86 11.29
N ASP A 330 2.56 13.25 11.62
CA ASP A 330 2.28 14.14 12.70
C ASP A 330 2.58 13.46 14.03
N LEU A 331 2.17 12.20 14.19
CA LEU A 331 2.48 11.51 15.41
C LEU A 331 3.92 11.06 15.57
N GLY A 332 4.60 10.73 14.47
CA GLY A 332 5.93 10.17 14.59
C GLY A 332 6.96 11.08 13.95
N SER A 333 7.90 10.49 13.23
CA SER A 333 8.97 11.25 12.56
C SER A 333 8.55 11.62 11.17
N ARG A 334 8.30 12.88 10.91
CA ARG A 334 7.77 13.19 9.58
C ARG A 334 8.84 12.79 8.52
N ALA A 335 10.12 13.05 8.84
CA ALA A 335 11.20 12.76 7.88
C ALA A 335 11.25 11.28 7.59
N VAL A 336 11.14 10.43 8.60
CA VAL A 336 11.20 9.01 8.32
C VAL A 336 10.02 8.59 7.47
N ASN A 337 8.83 9.06 7.77
CA ASN A 337 7.68 8.75 6.94
C ASN A 337 7.87 9.08 5.47
N ARG A 338 8.34 10.31 5.25
CA ARG A 338 8.48 10.82 3.91
C ARG A 338 9.53 10.03 3.18
N ILE A 339 10.65 9.81 3.82
CA ILE A 339 11.67 9.00 3.26
C ILE A 339 11.11 7.63 2.89
N ASN A 340 10.46 6.93 3.79
CA ASN A 340 9.97 5.60 3.43
C ASN A 340 8.96 5.59 2.32
N ASN A 341 8.07 6.57 2.36
CA ASN A 341 7.11 6.70 1.27
C ASN A 341 7.79 7.01 -0.07
N VAL A 342 8.84 7.79 -0.04
CA VAL A 342 9.63 8.03 -1.26
C VAL A 342 10.35 6.77 -1.75
N ARG A 343 10.91 6.03 -0.82
CA ARG A 343 11.52 4.78 -1.20
CA ARG A 343 11.48 4.74 -1.10
C ARG A 343 10.49 3.83 -1.87
N THR A 344 9.26 3.83 -1.38
CA THR A 344 8.25 3.04 -1.99
C THR A 344 7.88 3.56 -3.41
N MET A 345 7.78 4.85 -3.53
CA MET A 345 7.47 5.44 -4.80
C MET A 345 8.56 5.09 -5.86
N ARG A 346 9.80 5.44 -5.54
CA ARG A 346 10.95 5.25 -6.46
CA ARG A 346 10.88 5.26 -6.52
C ARG A 346 11.25 3.78 -6.71
N GLY A 347 11.10 2.97 -5.68
CA GLY A 347 11.52 1.62 -5.79
C GLY A 347 10.49 0.60 -6.26
N LEU A 348 9.20 0.91 -6.10
CA LEU A 348 8.14 -0.04 -6.41
C LEU A 348 7.13 0.55 -7.33
N GLN A 349 6.69 1.80 -7.16
CA GLN A 349 5.65 2.28 -7.97
C GLN A 349 6.19 2.70 -9.33
N PHE A 350 7.34 3.39 -9.33
CA PHE A 350 7.99 3.68 -10.60
C PHE A 350 8.07 2.43 -11.51
N ALA A 351 8.37 1.31 -10.92
CA ALA A 351 8.50 0.10 -11.72
C ALA A 351 7.17 -0.27 -12.35
N GLU A 352 6.08 -0.09 -11.62
CA GLU A 352 4.78 -0.38 -12.16
C GLU A 352 4.47 0.59 -13.31
N ASP A 353 4.85 1.85 -13.15
CA ASP A 353 4.51 2.86 -14.13
C ASP A 353 5.33 2.72 -15.44
N ALA A 354 6.31 1.86 -15.41
CA ALA A 354 7.08 1.50 -16.56
C ALA A 354 6.73 0.06 -16.99
N SER A 355 5.70 -0.56 -16.41
CA SER A 355 5.44 -1.96 -16.73
C SER A 355 4.38 -2.02 -17.78
N PRO A 356 4.11 -3.21 -18.26
CA PRO A 356 2.92 -3.35 -19.09
C PRO A 356 1.59 -3.00 -18.38
N MET A 357 1.56 -3.02 -17.06
CA MET A 357 0.33 -2.77 -16.35
C MET A 357 0.14 -1.30 -16.05
N ALA A 358 0.96 -0.44 -16.60
CA ALA A 358 0.88 0.95 -16.26
C ALA A 358 -0.49 1.55 -16.47
N HIS A 359 -0.85 2.46 -15.56
CA HIS A 359 -2.04 3.21 -15.71
C HIS A 359 -1.99 4.49 -14.99
N PRO A 360 -2.86 5.39 -15.37
CA PRO A 360 -3.00 6.62 -14.63
C PRO A 360 -3.74 6.35 -13.33
N ILE A 361 -3.60 7.28 -12.40
CA ILE A 361 -4.18 7.07 -11.08
C ILE A 361 -5.69 6.94 -11.21
N ARG A 362 -6.26 7.57 -12.23
CA ARG A 362 -7.66 7.39 -12.54
C ARG A 362 -7.70 6.57 -13.81
N PRO A 363 -7.81 5.24 -13.71
CA PRO A 363 -7.66 4.43 -14.95
C PRO A 363 -8.75 4.69 -16.01
N ASP A 364 -8.42 4.35 -17.24
CA ASP A 364 -9.38 4.54 -18.33
C ASP A 364 -9.96 3.22 -18.75
N MET A 365 -9.31 2.11 -18.45
CA MET A 365 -9.72 0.84 -18.95
C MET A 365 -9.33 -0.22 -17.96
N VAL A 366 -10.27 -1.13 -17.69
CA VAL A 366 -10.06 -2.10 -16.71
C VAL A 366 -10.82 -3.32 -17.09
N ILE A 367 -10.21 -4.49 -16.94
CA ILE A 367 -10.93 -5.74 -17.12
C ILE A 367 -11.32 -6.32 -15.76
N GLU A 368 -10.36 -6.49 -14.83
CA GLU A 368 -10.64 -7.03 -13.49
C GLU A 368 -10.24 -5.95 -12.48
N MET A 369 -11.25 -5.34 -11.90
CA MET A 369 -11.06 -4.24 -11.02
C MET A 369 -10.21 -4.61 -9.82
N ASN A 370 -10.14 -5.87 -9.40
CA ASN A 370 -9.24 -6.19 -8.31
C ASN A 370 -7.78 -5.98 -8.68
N ASN A 371 -7.47 -5.88 -9.98
CA ASN A 371 -6.08 -5.61 -10.45
C ASN A 371 -5.66 -4.15 -10.32
N PHE A 372 -6.59 -3.30 -9.91
CA PHE A 372 -6.31 -1.86 -9.85
C PHE A 372 -6.27 -1.26 -8.43
N TYR A 373 -6.11 -2.15 -7.43
CA TYR A 373 -5.84 -1.72 -6.05
C TYR A 373 -4.29 -1.59 -5.96
N THR A 374 -3.71 -0.61 -6.62
CA THR A 374 -2.27 -0.65 -6.96
C THR A 374 -1.43 0.46 -6.30
N LEU A 375 -0.12 0.26 -6.38
CA LEU A 375 0.85 1.24 -5.96
C LEU A 375 0.55 2.55 -6.61
N THR A 376 0.11 2.52 -7.86
CA THR A 376 -0.22 3.73 -8.55
C THR A 376 -1.45 4.40 -7.98
N VAL A 377 -2.54 3.67 -7.90
CA VAL A 377 -3.80 4.32 -7.40
C VAL A 377 -3.66 4.84 -5.99
N TYR A 378 -2.93 4.09 -5.19
CA TYR A 378 -2.74 4.36 -3.75
C TYR A 378 -1.60 5.38 -3.51
N GLU A 379 -0.38 4.96 -3.85
CA GLU A 379 0.80 5.72 -3.52
C GLU A 379 1.07 6.87 -4.41
N LYS A 380 1.00 6.66 -5.72
CA LYS A 380 1.07 7.79 -6.59
C LYS A 380 -0.16 8.70 -6.41
N GLY A 381 -1.28 8.09 -6.11
CA GLY A 381 -2.51 8.86 -5.85
C GLY A 381 -2.28 9.81 -4.71
N ALA A 382 -1.62 9.31 -3.68
CA ALA A 382 -1.39 10.19 -2.52
C ALA A 382 -0.39 11.30 -2.89
N GLU A 383 0.61 10.94 -3.69
CA GLU A 383 1.61 11.97 -4.12
C GLU A 383 0.89 13.08 -4.86
N VAL A 384 -0.16 12.71 -5.60
CA VAL A 384 -0.95 13.71 -6.31
C VAL A 384 -1.75 14.59 -5.38
N ILE A 385 -2.40 13.96 -4.39
CA ILE A 385 -3.05 14.77 -3.38
C ILE A 385 -2.03 15.66 -2.68
N ARG A 386 -0.84 15.10 -2.37
CA ARG A 386 0.17 15.90 -1.71
C ARG A 386 0.68 17.06 -2.59
N MET A 387 0.71 16.90 -3.92
CA MET A 387 1.04 18.02 -4.81
C MET A 387 -0.02 19.12 -4.69
N ILE A 388 -1.27 18.71 -4.51
CA ILE A 388 -2.33 19.72 -4.36
C ILE A 388 -2.07 20.48 -3.09
N HIS A 389 -1.71 19.73 -2.05
CA HIS A 389 -1.42 20.36 -0.77
C HIS A 389 -0.20 21.26 -0.87
N THR A 390 0.83 20.80 -1.58
CA THR A 390 1.96 21.68 -1.83
C THR A 390 1.54 22.98 -2.52
N LEU A 391 0.69 22.85 -3.53
CA LEU A 391 0.31 24.00 -4.26
C LEU A 391 -0.61 24.92 -3.57
N LEU A 392 -1.47 24.43 -2.69
CA LEU A 392 -2.45 25.32 -2.01
C LEU A 392 -2.00 25.78 -0.64
N GLY A 393 -1.12 25.01 0.01
CA GLY A 393 -0.81 25.19 1.44
C GLY A 393 -1.93 24.61 2.32
N GLU A 394 -1.62 24.33 3.58
CA GLU A 394 -2.54 23.66 4.48
C GLU A 394 -3.87 24.39 4.65
N GLU A 395 -3.83 25.70 4.85
CA GLU A 395 -5.07 26.38 5.14
C GLU A 395 -6.03 26.26 3.94
N ASN A 396 -5.55 26.52 2.75
CA ASN A 396 -6.41 26.38 1.60
C ASN A 396 -6.80 24.97 1.30
N PHE A 397 -5.92 24.03 1.54
CA PHE A 397 -6.20 22.62 1.31
C PHE A 397 -7.36 22.21 2.21
N GLN A 398 -7.32 22.58 3.48
CA GLN A 398 -8.40 22.27 4.37
C GLN A 398 -9.68 22.96 3.96
N LYS A 399 -9.61 24.18 3.41
CA LYS A 399 -10.85 24.73 2.82
C LYS A 399 -11.40 23.90 1.69
N GLY A 400 -10.53 23.35 0.85
CA GLY A 400 -10.98 22.49 -0.22
C GLY A 400 -11.62 21.22 0.36
N MET A 401 -11.05 20.68 1.43
CA MET A 401 -11.61 19.48 2.05
C MET A 401 -13.05 19.82 2.52
N GLN A 402 -13.20 20.99 3.09
CA GLN A 402 -14.51 21.39 3.63
C GLN A 402 -15.55 21.60 2.58
N LEU A 403 -15.10 22.15 1.45
CA LEU A 403 -15.99 22.37 0.33
C LEU A 403 -16.32 21.02 -0.30
N TYR A 404 -15.34 20.16 -0.42
CA TYR A 404 -15.59 18.82 -0.89
C TYR A 404 -16.67 18.12 -0.07
N PHE A 405 -16.58 18.13 1.23
CA PHE A 405 -17.59 17.41 2.03
C PHE A 405 -18.96 18.12 1.99
N GLU A 406 -18.95 19.44 1.96
CA GLU A 406 -20.19 20.19 1.94
C GLU A 406 -20.87 19.92 0.63
N ARG A 407 -20.13 19.77 -0.46
CA ARG A 407 -20.85 19.57 -1.69
C ARG A 407 -21.25 18.10 -1.85
N HIS A 408 -20.41 17.18 -1.40
CA HIS A 408 -20.56 15.79 -1.77
C HIS A 408 -20.97 14.79 -0.66
N ASP A 409 -21.07 15.25 0.56
CA ASP A 409 -21.46 14.33 1.66
C ASP A 409 -22.74 13.67 1.28
N GLY A 410 -22.76 12.38 1.44
CA GLY A 410 -23.91 11.53 1.08
C GLY A 410 -24.08 11.21 -0.37
N SER A 411 -23.08 11.47 -1.19
CA SER A 411 -23.13 11.08 -2.56
C SER A 411 -21.87 10.28 -2.97
N ALA A 412 -21.89 9.76 -4.21
CA ALA A 412 -20.80 9.11 -4.88
C ALA A 412 -20.15 10.07 -5.85
N ALA A 413 -18.88 10.42 -5.66
CA ALA A 413 -18.32 11.56 -6.39
C ALA A 413 -17.21 11.10 -7.32
N THR A 414 -16.59 12.03 -8.03
CA THR A 414 -15.53 11.68 -8.92
C THR A 414 -14.25 12.37 -8.50
N CYS A 415 -13.11 11.87 -8.95
CA CYS A 415 -11.84 12.59 -8.85
C CYS A 415 -11.98 14.05 -9.31
N ASP A 416 -12.56 14.23 -10.46
CA ASP A 416 -12.76 15.60 -10.93
C ASP A 416 -13.50 16.50 -9.96
N ASP A 417 -14.55 15.97 -9.30
CA ASP A 417 -15.24 16.75 -8.24
C ASP A 417 -14.33 17.21 -7.15
N PHE A 418 -13.38 16.35 -6.76
CA PHE A 418 -12.43 16.68 -5.68
C PHE A 418 -11.48 17.79 -6.10
N VAL A 419 -10.95 17.68 -7.32
CA VAL A 419 -10.13 18.74 -7.84
C VAL A 419 -10.91 20.07 -7.91
N GLN A 420 -12.14 20.06 -8.42
CA GLN A 420 -12.93 21.25 -8.56
CA GLN A 420 -12.90 21.30 -8.55
C GLN A 420 -13.12 21.88 -7.19
N ALA A 421 -13.38 21.05 -6.19
CA ALA A 421 -13.54 21.67 -4.91
C ALA A 421 -12.28 22.33 -4.40
N MET A 422 -11.13 21.68 -4.57
CA MET A 422 -9.89 22.29 -4.18
C MET A 422 -9.65 23.62 -4.93
N GLU A 423 -9.87 23.64 -6.25
CA GLU A 423 -9.72 24.85 -7.03
C GLU A 423 -10.68 25.93 -6.59
N ASP A 424 -11.97 25.59 -6.41
CA ASP A 424 -12.91 26.67 -6.07
C ASP A 424 -12.66 27.25 -4.69
N ALA A 425 -12.21 26.46 -3.73
CA ALA A 425 -12.01 26.98 -2.39
C ALA A 425 -10.75 27.79 -2.29
N SER A 426 -9.77 27.43 -3.09
CA SER A 426 -8.49 28.02 -2.93
C SER A 426 -8.26 29.22 -3.86
N ASN A 427 -8.92 29.22 -5.02
CA ASN A 427 -8.72 30.14 -6.19
C ASN A 427 -7.39 29.89 -6.89
N VAL A 428 -6.86 28.68 -6.73
CA VAL A 428 -5.67 28.22 -7.45
C VAL A 428 -6.16 27.42 -8.65
N ASP A 429 -5.67 27.73 -9.84
CA ASP A 429 -6.13 27.05 -11.02
C ASP A 429 -5.43 25.68 -11.09
N LEU A 430 -6.19 24.61 -11.24
CA LEU A 430 -5.67 23.26 -11.34
C LEU A 430 -6.12 22.60 -12.63
N SER A 431 -6.47 23.39 -13.63
CA SER A 431 -6.82 22.84 -14.99
C SER A 431 -5.77 21.95 -15.53
N HIS A 432 -4.55 22.44 -15.50
CA HIS A 432 -3.49 21.70 -16.17
C HIS A 432 -3.11 20.56 -15.23
N PHE A 433 -3.22 20.83 -13.94
CA PHE A 433 -2.89 19.86 -12.94
C PHE A 433 -3.65 18.55 -13.10
N ARG A 434 -4.88 18.67 -13.59
CA ARG A 434 -5.76 17.49 -13.81
C ARG A 434 -5.15 16.46 -14.66
N ARG A 435 -4.24 16.85 -15.50
CA ARG A 435 -3.55 15.87 -16.30
C ARG A 435 -2.84 14.79 -15.49
N TRP A 436 -2.52 15.06 -14.22
CA TRP A 436 -1.95 13.99 -13.41
C TRP A 436 -2.90 12.83 -13.23
N TYR A 437 -4.21 13.09 -13.41
CA TYR A 437 -5.25 12.04 -13.25
C TYR A 437 -5.37 11.17 -14.46
N SER A 438 -5.00 11.70 -15.60
CA SER A 438 -5.26 11.00 -16.89
C SER A 438 -4.00 10.52 -17.58
N GLN A 439 -2.83 10.89 -17.10
CA GLN A 439 -1.63 10.41 -17.76
C GLN A 439 -0.78 9.49 -16.89
N SER A 440 -0.39 8.33 -17.44
CA SER A 440 0.46 7.37 -16.79
C SER A 440 1.96 7.66 -17.01
N GLY A 441 2.81 6.84 -16.39
CA GLY A 441 4.24 7.00 -16.48
C GLY A 441 4.81 8.09 -15.53
N THR A 442 6.11 8.01 -15.32
CA THR A 442 6.82 8.86 -14.42
C THR A 442 7.50 9.94 -15.22
N PRO A 443 7.16 11.19 -14.98
CA PRO A 443 7.88 12.23 -15.68
C PRO A 443 9.36 12.21 -15.33
N ILE A 444 10.19 12.59 -16.30
CA ILE A 444 11.59 12.84 -16.07
C ILE A 444 11.88 14.35 -16.15
N VAL A 445 12.42 14.93 -15.08
CA VAL A 445 12.72 16.33 -15.03
C VAL A 445 14.20 16.56 -15.08
N THR A 446 14.65 17.27 -16.14
CA THR A 446 16.08 17.54 -16.39
C THR A 446 16.38 18.98 -16.00
N VAL A 447 17.38 19.17 -15.16
CA VAL A 447 17.70 20.53 -14.69
C VAL A 447 19.15 20.89 -15.08
N LYS A 448 19.33 22.07 -15.58
CA LYS A 448 20.69 22.59 -15.89
C LYS A 448 20.77 23.90 -15.18
N ASP A 449 21.93 24.24 -14.65
CA ASP A 449 22.09 25.51 -13.94
C ASP A 449 23.26 26.36 -14.44
N ASP A 450 23.17 27.63 -14.15
CA ASP A 450 24.20 28.53 -14.56
C ASP A 450 24.28 29.60 -13.54
N TYR A 451 25.46 29.86 -13.00
CA TYR A 451 25.60 31.00 -12.11
C TYR A 451 26.43 32.05 -12.84
N ASN A 452 25.95 33.28 -12.77
CA ASN A 452 26.56 34.39 -13.45
C ASN A 452 27.06 35.48 -12.49
N PRO A 453 28.38 35.55 -12.34
CA PRO A 453 28.93 36.43 -11.33
C PRO A 453 28.81 37.92 -11.68
N GLU A 454 28.82 38.26 -12.95
CA GLU A 454 28.59 39.68 -13.40
C GLU A 454 27.22 40.19 -12.97
N THR A 455 26.21 39.35 -13.16
CA THR A 455 24.81 39.76 -12.93
C THR A 455 24.29 39.32 -11.58
N GLU A 456 25.00 38.39 -10.93
CA GLU A 456 24.57 37.88 -9.63
C GLU A 456 23.21 37.21 -9.71
N GLN A 457 23.13 36.39 -10.72
CA GLN A 457 21.97 35.61 -11.09
C GLN A 457 22.32 34.18 -11.20
N TYR A 458 21.41 33.38 -10.66
CA TYR A 458 21.37 31.92 -10.82
C TYR A 458 20.21 31.55 -11.70
N THR A 459 20.45 30.76 -12.71
CA THR A 459 19.43 30.41 -13.61
C THR A 459 19.29 28.93 -13.66
N LEU A 460 18.07 28.45 -13.40
CA LEU A 460 17.72 27.03 -13.72
C LEU A 460 16.93 26.89 -14.99
N THR A 461 17.38 25.97 -15.80
CA THR A 461 16.74 25.59 -17.02
C THR A 461 16.21 24.20 -16.79
N ILE A 462 14.88 24.11 -16.71
CA ILE A 462 14.17 22.86 -16.37
C ILE A 462 13.33 22.33 -17.52
N SER A 463 13.46 21.05 -17.80
CA SER A 463 12.83 20.36 -18.91
C SER A 463 12.04 19.27 -18.29
N GLN A 464 10.98 18.82 -18.96
CA GLN A 464 10.31 17.59 -18.56
C GLN A 464 9.89 16.86 -19.75
N ARG A 465 9.71 15.56 -19.57
CA ARG A 465 9.00 14.73 -20.51
C ARG A 465 8.64 13.43 -19.81
N THR A 466 7.63 12.75 -20.31
CA THR A 466 7.34 11.41 -19.81
C THR A 466 7.46 10.52 -21.01
N PRO A 467 8.26 9.48 -20.93
CA PRO A 467 8.25 8.51 -21.98
C PRO A 467 6.91 7.89 -22.21
N ALA A 468 6.72 7.39 -23.42
CA ALA A 468 5.52 6.62 -23.70
C ALA A 468 5.44 5.40 -22.79
N THR A 469 4.23 5.03 -22.47
CA THR A 469 3.95 3.79 -21.84
C THR A 469 3.13 2.89 -22.75
N PRO A 470 3.09 1.57 -22.46
CA PRO A 470 2.38 0.66 -23.32
C PRO A 470 0.89 1.03 -23.52
N ASP A 471 0.31 1.75 -22.56
CA ASP A 471 -1.08 2.11 -22.63
C ASP A 471 -1.36 3.42 -23.33
N GLN A 472 -0.40 4.34 -23.37
CA GLN A 472 -0.59 5.65 -23.94
C GLN A 472 0.65 6.07 -24.75
N ALA A 473 0.43 6.39 -26.00
CA ALA A 473 1.50 6.84 -26.86
C ALA A 473 1.69 8.35 -26.86
N GLU A 474 0.68 9.16 -26.52
CA GLU A 474 0.83 10.61 -26.51
C GLU A 474 1.01 10.91 -25.01
N LYS A 475 1.93 11.81 -24.71
CA LYS A 475 2.19 12.32 -23.36
C LYS A 475 2.35 13.80 -23.51
N GLN A 476 1.99 14.52 -22.48
CA GLN A 476 2.05 15.95 -22.50
C GLN A 476 2.59 16.46 -21.16
N PRO A 477 3.09 17.70 -21.15
CA PRO A 477 3.70 18.27 -19.99
C PRO A 477 2.71 18.33 -18.84
N LEU A 478 3.15 18.07 -17.63
CA LEU A 478 2.32 18.19 -16.45
C LEU A 478 2.61 19.44 -15.74
N HIS A 479 1.79 19.71 -14.74
CA HIS A 479 2.01 20.81 -13.81
C HIS A 479 2.76 20.27 -12.64
N ILE A 480 4.07 20.47 -12.66
CA ILE A 480 4.97 19.90 -11.68
C ILE A 480 5.37 20.93 -10.66
N PRO A 481 4.95 20.76 -9.42
CA PRO A 481 5.45 21.61 -8.38
C PRO A 481 6.85 21.17 -7.98
N PHE A 482 7.82 22.08 -8.17
CA PHE A 482 9.25 21.75 -8.16
C PHE A 482 9.93 22.60 -7.17
N ALA A 483 9.98 22.13 -5.94
CA ALA A 483 10.52 22.89 -4.85
C ALA A 483 12.03 22.89 -4.80
N ILE A 484 12.56 24.09 -4.54
CA ILE A 484 13.96 24.29 -4.42
C ILE A 484 14.31 25.06 -3.17
N GLU A 485 15.59 24.97 -2.89
CA GLU A 485 16.26 25.79 -1.91
C GLU A 485 17.73 26.02 -2.31
N LEU A 486 18.23 27.24 -2.09
CA LEU A 486 19.56 27.59 -2.51
C LEU A 486 20.42 27.91 -1.31
N TYR A 487 21.61 27.32 -1.22
CA TYR A 487 22.53 27.43 -0.05
C TYR A 487 23.83 28.17 -0.37
N ASP A 488 24.24 29.09 0.51
CA ASP A 488 25.53 29.73 0.35
C ASP A 488 26.57 28.77 0.95
N ASN A 489 27.84 29.16 0.95
CA ASN A 489 28.84 28.11 1.28
C ASN A 489 29.07 27.89 2.75
N GLU A 490 28.27 28.54 3.56
CA GLU A 490 28.25 28.24 4.96
C GLU A 490 27.05 27.44 5.29
N GLY A 491 26.17 27.18 4.32
CA GLY A 491 24.89 26.50 4.60
C GLY A 491 23.68 27.37 4.94
N LYS A 492 23.73 28.66 4.63
CA LYS A 492 22.57 29.56 4.87
C LYS A 492 21.74 29.56 3.62
N VAL A 493 20.44 29.69 3.78
CA VAL A 493 19.51 29.82 2.69
C VAL A 493 19.66 31.20 2.09
N ILE A 494 19.65 31.25 0.78
CA ILE A 494 19.68 32.46 0.02
C ILE A 494 18.22 32.76 -0.36
N PRO A 495 17.70 33.93 0.04
CA PRO A 495 16.34 34.35 -0.34
C PRO A 495 16.14 34.29 -1.83
N LEU A 496 15.06 33.63 -2.25
CA LEU A 496 14.78 33.57 -3.68
C LEU A 496 14.01 34.82 -4.09
N GLN A 497 14.48 35.46 -5.15
CA GLN A 497 13.89 36.72 -5.53
C GLN A 497 14.28 37.03 -6.90
N LYS A 498 13.47 37.90 -7.49
CA LYS A 498 13.55 38.27 -8.90
C LYS A 498 12.94 39.69 -9.07
N GLY A 499 13.72 40.60 -9.71
CA GLY A 499 13.29 41.97 -10.07
C GLY A 499 12.64 42.71 -8.92
N GLY A 500 13.23 42.57 -7.77
CA GLY A 500 12.82 43.25 -6.59
C GLY A 500 11.91 42.51 -5.64
N HIS A 501 11.40 41.34 -6.03
CA HIS A 501 10.25 40.74 -5.29
C HIS A 501 10.53 39.31 -4.93
N PRO A 502 10.10 38.86 -3.73
CA PRO A 502 10.16 37.46 -3.39
C PRO A 502 9.56 36.55 -4.46
N VAL A 503 10.22 35.40 -4.66
CA VAL A 503 9.75 34.34 -5.51
C VAL A 503 9.46 33.08 -4.68
N ASN A 504 8.38 32.42 -5.04
CA ASN A 504 7.99 31.23 -4.31
C ASN A 504 8.99 30.10 -4.53
N SER A 505 9.32 29.40 -3.48
CA SER A 505 10.32 28.34 -3.62
C SER A 505 9.77 27.08 -4.32
N VAL A 506 8.45 27.03 -4.53
CA VAL A 506 7.79 25.93 -5.31
C VAL A 506 7.67 26.44 -6.69
N LEU A 507 8.56 26.01 -7.56
CA LEU A 507 8.51 26.55 -8.91
C LEU A 507 7.40 25.82 -9.71
N ASN A 508 6.71 26.52 -10.61
CA ASN A 508 5.68 25.91 -11.45
C ASN A 508 6.23 25.45 -12.77
N VAL A 509 6.62 24.19 -12.81
CA VAL A 509 7.18 23.61 -13.97
C VAL A 509 6.03 23.03 -14.80
N THR A 510 5.56 23.82 -15.75
CA THR A 510 4.37 23.48 -16.53
C THR A 510 4.57 23.18 -17.96
N GLN A 511 5.72 23.55 -18.49
CA GLN A 511 6.02 23.31 -19.88
C GLN A 511 7.11 22.30 -20.09
N ALA A 512 7.32 21.97 -21.35
CA ALA A 512 8.43 21.13 -21.78
C ALA A 512 9.81 21.68 -21.41
N GLU A 513 9.94 23.00 -21.41
CA GLU A 513 11.24 23.67 -21.21
CA GLU A 513 11.22 23.63 -21.25
C GLU A 513 10.89 25.04 -20.74
N GLN A 514 11.53 25.45 -19.67
CA GLN A 514 11.43 26.81 -19.20
C GLN A 514 12.66 27.12 -18.36
N THR A 515 12.80 28.40 -18.08
CA THR A 515 13.92 28.95 -17.42
C THR A 515 13.40 29.65 -16.22
N PHE A 516 14.15 29.58 -15.13
CA PHE A 516 13.82 30.39 -13.94
C PHE A 516 15.09 31.10 -13.50
N VAL A 517 14.96 32.40 -13.24
CA VAL A 517 16.07 33.29 -12.96
C VAL A 517 15.85 33.91 -11.61
N PHE A 518 16.86 33.74 -10.77
CA PHE A 518 16.95 34.32 -9.46
C PHE A 518 18.04 35.36 -9.45
N ASP A 519 17.70 36.52 -8.85
N ASP A 519 17.81 36.45 -8.74
CA ASP A 519 18.54 37.73 -8.83
CA ASP A 519 18.81 37.47 -8.75
C ASP A 519 19.10 37.78 -7.42
C ASP A 519 19.12 37.77 -7.35
N ASN A 520 20.04 38.70 -7.14
CA ASN A 520 20.55 38.89 -5.78
C ASN A 520 21.12 37.61 -5.17
N VAL A 521 21.76 36.83 -6.03
CA VAL A 521 22.49 35.64 -5.61
C VAL A 521 23.96 36.09 -5.58
N TYR A 522 24.43 36.53 -4.43
CA TYR A 522 25.74 37.23 -4.40
C TYR A 522 26.92 36.26 -4.47
N PHE A 523 26.68 34.98 -4.14
CA PHE A 523 27.64 33.94 -4.15
C PHE A 523 27.07 32.67 -4.78
N GLN A 524 27.92 31.92 -5.46
CA GLN A 524 27.49 30.75 -6.20
C GLN A 524 26.83 29.76 -5.24
N PRO A 525 25.63 29.35 -5.54
CA PRO A 525 24.85 28.57 -4.56
C PRO A 525 25.01 27.10 -4.80
N VAL A 526 24.71 26.28 -3.81
CA VAL A 526 24.47 24.86 -4.04
C VAL A 526 22.96 24.68 -3.88
N PRO A 527 22.30 24.03 -4.84
CA PRO A 527 20.87 23.88 -4.71
C PRO A 527 20.51 22.58 -4.12
N ALA A 528 19.43 22.59 -3.33
CA ALA A 528 18.59 21.43 -3.13
C ALA A 528 17.40 21.48 -4.08
N LEU A 529 17.12 20.36 -4.74
CA LEU A 529 16.20 20.30 -5.84
C LEU A 529 15.17 19.24 -5.51
N LEU A 530 13.93 19.50 -5.91
CA LEU A 530 12.80 18.58 -5.70
C LEU A 530 12.67 18.28 -4.22
N CYS A 531 12.77 19.31 -3.42
CA CYS A 531 12.68 19.18 -1.96
C CYS A 531 11.39 18.50 -1.51
N GLU A 532 11.52 17.70 -0.46
CA GLU A 532 10.49 16.87 0.10
CA GLU A 532 10.45 16.91 0.07
C GLU A 532 9.82 15.99 -0.98
N PHE A 533 10.54 15.73 -2.10
CA PHE A 533 10.02 14.98 -3.27
C PHE A 533 8.67 15.58 -3.65
N SER A 534 8.74 16.84 -4.09
CA SER A 534 7.61 17.72 -4.22
C SER A 534 6.75 17.32 -5.41
N ALA A 535 7.26 16.44 -6.28
CA ALA A 535 6.48 15.79 -7.34
C ALA A 535 7.05 14.42 -7.60
N PRO A 536 6.24 13.52 -8.12
CA PRO A 536 6.69 12.15 -8.22
C PRO A 536 7.37 11.94 -9.56
N VAL A 537 8.62 12.39 -9.60
CA VAL A 537 9.36 12.45 -10.83
C VAL A 537 10.79 11.92 -10.63
N LYS A 538 11.42 11.52 -11.73
CA LYS A 538 12.87 11.32 -11.82
C LYS A 538 13.54 12.65 -12.07
N LEU A 539 14.61 12.92 -11.35
CA LEU A 539 15.34 14.19 -11.44
C LEU A 539 16.66 13.90 -12.10
N GLU A 540 16.98 14.57 -13.19
CA GLU A 540 18.27 14.40 -13.90
CA GLU A 540 18.25 14.40 -13.91
C GLU A 540 19.02 15.69 -13.72
N TYR A 541 20.01 15.65 -12.85
CA TYR A 541 20.86 16.83 -12.58
C TYR A 541 22.24 16.32 -12.27
N LYS A 542 23.25 16.98 -12.80
CA LYS A 542 24.64 16.48 -12.73
C LYS A 542 25.29 17.02 -11.46
N TRP A 543 24.85 16.48 -10.33
CA TRP A 543 25.42 16.71 -9.05
C TRP A 543 26.95 16.39 -9.07
N SER A 544 27.75 17.22 -8.41
CA SER A 544 29.08 16.79 -7.98
C SER A 544 29.01 16.07 -6.66
N ASP A 545 29.97 15.18 -6.37
CA ASP A 545 30.01 14.51 -5.12
C ASP A 545 30.10 15.51 -4.00
N GLN A 546 30.84 16.59 -4.22
CA GLN A 546 30.99 17.57 -3.17
C GLN A 546 29.66 18.31 -2.90
N GLN A 547 28.88 18.60 -3.91
CA GLN A 547 27.62 19.30 -3.63
C GLN A 547 26.77 18.40 -2.76
N LEU A 548 26.80 17.10 -3.03
CA LEU A 548 25.99 16.18 -2.34
C LEU A 548 26.43 16.02 -0.90
N THR A 549 27.72 15.90 -0.62
CA THR A 549 28.13 15.82 0.77
C THR A 549 27.92 17.13 1.49
N PHE A 550 28.04 18.24 0.79
CA PHE A 550 27.68 19.50 1.41
C PHE A 550 26.20 19.44 1.89
N LEU A 551 25.33 18.97 1.02
CA LEU A 551 23.92 18.87 1.43
C LEU A 551 23.71 17.89 2.57
N MET A 552 24.49 16.83 2.58
CA MET A 552 24.37 15.86 3.65
C MET A 552 24.71 16.50 5.01
N ARG A 553 25.50 17.54 4.92
CA ARG A 553 25.97 18.25 6.10
C ARG A 553 25.21 19.49 6.47
N HIS A 554 24.52 20.10 5.52
CA HIS A 554 23.93 21.39 5.74
C HIS A 554 22.47 21.55 5.35
N ALA A 555 21.90 20.60 4.60
CA ALA A 555 20.56 20.88 4.13
C ALA A 555 19.62 21.00 5.31
N ARG A 556 18.70 21.95 5.19
CA ARG A 556 17.84 22.33 6.29
C ARG A 556 16.80 21.25 6.58
N ASN A 557 16.18 20.68 5.54
CA ASN A 557 15.25 19.55 5.72
C ASN A 557 15.93 18.19 5.74
N ASP A 558 15.59 17.39 6.71
CA ASP A 558 16.11 16.07 6.86
C ASP A 558 16.02 15.26 5.62
N PHE A 559 14.91 15.37 4.91
CA PHE A 559 14.73 14.56 3.73
C PHE A 559 15.83 14.82 2.68
N SER A 560 16.15 16.10 2.51
CA SER A 560 17.13 16.51 1.50
C SER A 560 18.46 15.92 1.83
N ARG A 561 18.75 15.73 3.09
CA ARG A 561 20.03 15.10 3.44
C ARG A 561 20.03 13.67 3.05
N TRP A 562 18.92 13.00 3.30
CA TRP A 562 18.78 11.61 2.90
C TRP A 562 18.93 11.49 1.37
N ASP A 563 18.23 12.33 0.68
CA ASP A 563 18.12 12.21 -0.77
C ASP A 563 19.48 12.50 -1.44
N ALA A 564 20.21 13.48 -0.90
CA ALA A 564 21.54 13.76 -1.37
C ALA A 564 22.40 12.48 -1.18
N ALA A 565 22.24 11.80 -0.05
CA ALA A 565 22.97 10.54 0.14
C ALA A 565 22.62 9.50 -0.88
N GLN A 566 21.36 9.49 -1.28
CA GLN A 566 20.92 8.53 -2.25
C GLN A 566 21.50 8.91 -3.62
N SER A 567 21.54 10.18 -3.95
CA SER A 567 22.14 10.54 -5.23
C SER A 567 23.65 10.24 -5.17
N LEU A 568 24.31 10.40 -4.01
CA LEU A 568 25.74 10.11 -3.96
C LEU A 568 25.99 8.63 -4.27
N LEU A 569 25.23 7.74 -3.65
CA LEU A 569 25.38 6.35 -3.83
C LEU A 569 25.03 5.87 -5.22
N ALA A 570 24.04 6.52 -5.83
CA ALA A 570 23.50 6.08 -7.07
C ALA A 570 24.65 6.00 -8.09
N THR A 571 25.45 7.05 -8.18
CA THR A 571 26.57 7.04 -9.14
C THR A 571 27.46 5.80 -9.01
N TYR A 572 27.69 5.39 -7.77
CA TYR A 572 28.62 4.32 -7.43
C TYR A 572 27.98 2.96 -7.48
N ILE A 573 26.66 2.93 -7.31
CA ILE A 573 25.91 1.70 -7.59
C ILE A 573 25.94 1.31 -9.08
N LYS A 574 25.65 2.29 -9.92
CA LYS A 574 25.75 2.12 -11.37
C LYS A 574 27.18 1.77 -11.77
N LEU A 575 28.16 2.49 -11.23
CA LEU A 575 29.54 2.17 -11.56
C LEU A 575 29.85 0.72 -11.31
N ASN A 576 29.47 0.25 -10.12
CA ASN A 576 29.86 -1.06 -9.72
C ASN A 576 29.08 -2.21 -10.26
N VAL A 577 27.85 -1.94 -10.68
CA VAL A 577 27.10 -2.94 -11.45
C VAL A 577 27.77 -3.14 -12.83
N ALA A 578 28.16 -2.07 -13.53
CA ALA A 578 28.98 -2.33 -14.77
C ALA A 578 30.29 -3.10 -14.48
N ARG A 579 30.94 -2.79 -13.39
CA ARG A 579 32.15 -3.48 -13.06
C ARG A 579 31.85 -4.96 -12.80
N HIS A 580 30.81 -5.21 -12.04
CA HIS A 580 30.51 -6.54 -11.65
C HIS A 580 30.26 -7.39 -12.88
N GLN A 581 29.57 -6.85 -13.84
CA GLN A 581 29.30 -7.58 -15.07
C GLN A 581 30.55 -7.93 -15.89
N GLN A 582 31.64 -7.16 -15.71
CA GLN A 582 32.91 -7.50 -16.27
C GLN A 582 33.83 -8.23 -15.33
N GLY A 583 33.32 -8.73 -14.24
CA GLY A 583 34.15 -9.41 -13.28
C GLY A 583 35.08 -8.54 -12.39
N GLN A 584 34.82 -7.23 -12.29
CA GLN A 584 35.64 -6.31 -11.52
C GLN A 584 35.06 -6.05 -10.14
N PRO A 585 35.89 -6.01 -9.11
CA PRO A 585 35.34 -5.84 -7.77
C PRO A 585 35.00 -4.37 -7.46
N LEU A 586 34.40 -4.17 -6.32
CA LEU A 586 33.79 -2.89 -5.97
C LEU A 586 34.82 -1.79 -5.85
N SER A 587 34.52 -0.60 -6.33
CA SER A 587 35.43 0.55 -6.24
C SER A 587 34.59 1.68 -5.67
N LEU A 588 35.02 2.29 -4.58
CA LEU A 588 34.34 3.38 -3.92
C LEU A 588 35.33 4.40 -3.46
N PRO A 589 35.22 5.60 -3.95
CA PRO A 589 36.14 6.59 -3.42
C PRO A 589 36.11 6.73 -1.92
N VAL A 590 37.27 6.93 -1.38
CA VAL A 590 37.46 7.21 0.02
C VAL A 590 36.51 8.29 0.53
N HIS A 591 36.40 9.39 -0.18
CA HIS A 591 35.51 10.45 0.27
C HIS A 591 34.02 10.11 0.39
N VAL A 592 33.56 9.04 -0.25
CA VAL A 592 32.23 8.59 -0.11
C VAL A 592 32.06 7.88 1.18
N ALA A 593 32.94 6.93 1.47
CA ALA A 593 32.91 6.31 2.78
C ALA A 593 33.02 7.34 3.85
N ASP A 594 33.82 8.37 3.63
CA ASP A 594 33.93 9.41 4.65
C ASP A 594 32.65 10.17 4.86
N ALA A 595 31.82 10.34 3.84
CA ALA A 595 30.55 11.05 4.05
C ALA A 595 29.62 10.26 5.00
N PHE A 596 29.68 8.93 4.94
CA PHE A 596 28.86 8.13 5.85
C PHE A 596 29.47 8.05 7.21
N ARG A 597 30.80 8.05 7.29
CA ARG A 597 31.49 8.15 8.57
C ARG A 597 31.03 9.40 9.31
N ALA A 598 31.06 10.52 8.61
CA ALA A 598 30.63 11.76 9.21
C ALA A 598 29.20 11.70 9.78
N VAL A 599 28.31 10.93 9.16
CA VAL A 599 26.94 10.86 9.57
C VAL A 599 26.84 10.01 10.88
N LEU A 600 27.60 8.94 10.94
CA LEU A 600 27.71 8.13 12.12
C LEU A 600 28.17 8.88 13.33
N LEU A 601 29.08 9.79 13.12
CA LEU A 601 29.66 10.52 14.20
C LEU A 601 29.08 11.92 14.43
N ASP A 602 28.12 12.39 13.65
CA ASP A 602 27.61 13.76 13.86
C ASP A 602 26.59 13.59 14.97
N GLU A 603 26.86 14.10 16.15
CA GLU A 603 25.85 13.99 17.22
C GLU A 603 24.65 14.92 17.07
N LYS A 604 24.72 15.89 16.19
CA LYS A 604 23.56 16.77 15.96
C LYS A 604 22.50 16.21 15.00
N ILE A 605 22.82 15.13 14.28
CA ILE A 605 21.85 14.54 13.38
C ILE A 605 20.84 13.74 14.22
N ASP A 606 19.58 13.95 13.99
CA ASP A 606 18.53 13.12 14.60
C ASP A 606 18.80 11.65 14.27
N PRO A 607 18.88 10.76 15.25
CA PRO A 607 19.13 9.36 14.93
C PRO A 607 18.14 8.76 13.93
N ALA A 608 16.91 9.25 13.92
CA ALA A 608 15.89 8.75 12.98
C ALA A 608 16.43 8.94 11.55
N LEU A 609 17.01 10.10 11.28
CA LEU A 609 17.58 10.42 9.99
C LEU A 609 18.88 9.65 9.75
N ALA A 610 19.81 9.64 10.70
CA ALA A 610 21.01 8.85 10.51
C ALA A 610 20.72 7.43 10.13
N ALA A 611 19.71 6.84 10.79
CA ALA A 611 19.42 5.44 10.51
C ALA A 611 19.04 5.19 9.03
N GLU A 612 18.27 6.12 8.48
CA GLU A 612 17.78 5.98 7.12
CA GLU A 612 17.79 6.11 7.08
C GLU A 612 18.93 6.22 6.08
N ILE A 613 19.85 7.13 6.38
CA ILE A 613 20.98 7.39 5.53
C ILE A 613 21.88 6.15 5.54
N LEU A 614 21.96 5.47 6.67
CA LEU A 614 22.74 4.25 6.83
C LEU A 614 21.95 3.00 6.54
N THR A 615 20.80 3.18 5.94
CA THR A 615 20.09 2.04 5.36
C THR A 615 20.19 2.13 3.84
N LEU A 616 20.96 1.22 3.25
CA LEU A 616 21.24 1.33 1.84
C LEU A 616 19.97 1.08 1.02
N PRO A 617 19.88 1.70 -0.14
CA PRO A 617 18.74 1.48 -1.01
C PRO A 617 18.51 -0.01 -1.22
N SER A 618 17.26 -0.49 -1.21
CA SER A 618 16.97 -1.91 -1.47
C SER A 618 17.26 -2.28 -2.92
N VAL A 619 17.25 -3.60 -3.22
CA VAL A 619 17.53 -4.07 -4.59
C VAL A 619 16.44 -3.59 -5.53
N ASN A 620 15.26 -3.31 -4.99
CA ASN A 620 14.22 -2.68 -5.82
C ASN A 620 14.53 -1.22 -6.10
N GLU A 621 15.00 -0.50 -5.12
CA GLU A 621 15.34 0.86 -5.42
C GLU A 621 16.56 0.92 -6.34
N MET A 622 17.48 -0.01 -6.19
CA MET A 622 18.66 -0.01 -7.02
CA MET A 622 18.66 -0.03 -7.02
C MET A 622 18.27 -0.29 -8.47
N ALA A 623 17.37 -1.25 -8.66
CA ALA A 623 16.84 -1.55 -9.99
C ALA A 623 16.27 -0.35 -10.75
N GLU A 624 15.62 0.58 -10.08
CA GLU A 624 15.05 1.69 -10.81
CA GLU A 624 15.06 1.76 -10.74
C GLU A 624 16.13 2.58 -11.41
N LEU A 625 17.40 2.42 -10.99
CA LEU A 625 18.46 3.24 -11.55
C LEU A 625 18.86 2.81 -12.99
N PHE A 626 18.39 1.67 -13.43
CA PHE A 626 18.94 1.06 -14.62
C PHE A 626 17.90 0.94 -15.73
N ASP A 627 18.31 1.02 -17.00
CA ASP A 627 17.40 0.69 -18.17
C ASP A 627 17.19 -0.82 -18.28
N ILE A 628 18.25 -1.59 -18.21
CA ILE A 628 18.06 -3.01 -18.18
C ILE A 628 18.46 -3.44 -16.80
N ILE A 629 17.63 -4.23 -16.14
CA ILE A 629 17.98 -4.67 -14.83
C ILE A 629 18.83 -5.93 -14.81
N ASP A 630 19.97 -5.88 -14.13
CA ASP A 630 20.71 -7.11 -13.81
C ASP A 630 20.58 -7.44 -12.33
N PRO A 631 19.70 -8.37 -11.96
CA PRO A 631 19.40 -8.50 -10.54
C PRO A 631 20.47 -9.20 -9.77
N ILE A 632 21.25 -10.04 -10.44
CA ILE A 632 22.32 -10.72 -9.78
C ILE A 632 23.43 -9.75 -9.51
N ALA A 633 23.76 -8.89 -10.45
CA ALA A 633 24.78 -7.87 -10.22
C ALA A 633 24.36 -6.88 -9.16
N ILE A 634 23.11 -6.44 -9.19
CA ILE A 634 22.61 -5.55 -8.18
C ILE A 634 22.77 -6.18 -6.83
N ALA A 635 22.38 -7.44 -6.68
CA ALA A 635 22.42 -7.99 -5.34
C ALA A 635 23.85 -8.14 -4.87
N GLU A 636 24.72 -8.63 -5.76
CA GLU A 636 26.14 -8.79 -5.38
C GLU A 636 26.74 -7.42 -5.05
N VAL A 637 26.45 -6.42 -5.84
CA VAL A 637 26.94 -5.05 -5.52
C VAL A 637 26.39 -4.56 -4.18
N ARG A 638 25.14 -4.87 -3.85
CA ARG A 638 24.63 -4.33 -2.58
C ARG A 638 25.35 -5.00 -1.41
N GLU A 639 25.54 -6.31 -1.51
CA GLU A 639 26.34 -7.01 -0.55
C GLU A 639 27.79 -6.43 -0.42
N ALA A 640 28.44 -6.25 -1.56
CA ALA A 640 29.84 -5.76 -1.58
C ALA A 640 29.96 -4.35 -1.02
N LEU A 641 29.03 -3.47 -1.37
CA LEU A 641 28.98 -2.16 -0.79
C LEU A 641 28.84 -2.22 0.74
N THR A 642 27.98 -3.12 1.20
CA THR A 642 27.72 -3.24 2.61
C THR A 642 29.02 -3.75 3.24
N ARG A 643 29.69 -4.74 2.69
CA ARG A 643 30.92 -5.23 3.29
C ARG A 643 32.05 -4.17 3.28
N THR A 644 32.11 -3.40 2.20
CA THR A 644 33.09 -2.30 2.11
C THR A 644 32.88 -1.28 3.20
N LEU A 645 31.63 -0.89 3.42
CA LEU A 645 31.35 0.08 4.44
C LEU A 645 31.62 -0.49 5.82
N ALA A 646 31.26 -1.73 5.99
CA ALA A 646 31.50 -2.41 7.24
C ALA A 646 32.98 -2.42 7.65
N THR A 647 33.83 -2.71 6.67
CA THR A 647 35.27 -2.69 6.88
C THR A 647 35.76 -1.26 7.12
N GLU A 648 35.43 -0.33 6.27
CA GLU A 648 36.02 0.99 6.38
CA GLU A 648 35.97 1.02 6.39
C GLU A 648 35.47 1.73 7.64
N LEU A 649 34.29 1.33 8.16
CA LEU A 649 33.64 2.07 9.25
C LEU A 649 33.51 1.25 10.50
N ALA A 650 34.22 0.15 10.61
CA ALA A 650 33.99 -0.82 11.72
C ALA A 650 33.95 -0.33 13.16
N ASP A 651 34.85 0.59 13.47
CA ASP A 651 35.06 1.04 14.81
C ASP A 651 33.87 2.01 15.07
N GLU A 652 33.64 2.93 14.15
CA GLU A 652 32.54 3.86 14.33
C GLU A 652 31.19 3.14 14.42
N LEU A 653 30.99 2.11 13.60
CA LEU A 653 29.81 1.31 13.64
C LEU A 653 29.60 0.65 14.99
N LEU A 654 30.64 0.06 15.52
CA LEU A 654 30.52 -0.56 16.80
C LEU A 654 30.21 0.45 17.91
N ALA A 655 30.84 1.59 17.82
CA ALA A 655 30.64 2.58 18.82
C ALA A 655 29.20 3.09 18.85
N ILE A 656 28.66 3.39 17.70
CA ILE A 656 27.28 3.91 17.64
C ILE A 656 26.29 2.80 17.98
N TYR A 657 26.57 1.58 17.58
CA TYR A 657 25.76 0.47 17.96
C TYR A 657 25.65 0.39 19.50
N ASN A 658 26.80 0.52 20.18
CA ASN A 658 26.85 0.38 21.66
C ASN A 658 26.22 1.57 22.30
N ALA A 659 26.51 2.76 21.79
CA ALA A 659 25.92 3.96 22.34
C ALA A 659 24.42 4.00 22.33
N ASN A 660 23.78 3.28 21.40
CA ASN A 660 22.33 3.31 21.25
C ASN A 660 21.66 2.18 21.88
N TYR A 661 22.41 1.39 22.65
CA TYR A 661 21.81 0.37 23.47
C TYR A 661 20.66 0.94 24.39
N GLN A 662 19.55 0.23 24.54
CA GLN A 662 18.43 0.69 25.38
C GLN A 662 17.98 -0.52 26.21
N SER A 663 18.06 -0.45 27.53
CA SER A 663 17.67 -1.64 28.34
C SER A 663 16.16 -1.73 28.42
N GLU A 664 15.48 -0.61 28.49
CA GLU A 664 13.99 -0.57 28.45
C GLU A 664 13.49 -0.62 26.99
N TYR A 665 12.53 -1.50 26.70
CA TYR A 665 11.81 -1.46 25.42
C TYR A 665 10.52 -0.60 25.50
N ARG A 666 10.46 0.41 24.67
CA ARG A 666 9.25 1.20 24.57
C ARG A 666 8.88 1.46 23.10
N VAL A 667 7.58 1.54 22.87
CA VAL A 667 7.07 1.87 21.58
C VAL A 667 6.80 3.33 21.55
N GLU A 668 7.89 4.09 21.44
CA GLU A 668 7.85 5.55 21.48
C GLU A 668 8.84 6.07 20.44
N HIS A 669 8.55 7.17 19.84
CA HIS A 669 9.22 7.55 18.62
C HIS A 669 10.72 7.75 18.79
N GLU A 670 11.15 8.41 19.86
CA GLU A 670 12.57 8.62 20.11
CA GLU A 670 12.58 8.61 20.08
C GLU A 670 13.30 7.29 20.34
N ASP A 671 12.67 6.39 21.08
CA ASP A 671 13.24 5.08 21.29
C ASP A 671 13.32 4.27 20.00
N ILE A 672 12.29 4.38 19.19
CA ILE A 672 12.29 3.63 17.93
C ILE A 672 13.44 4.12 17.04
N ALA A 673 13.69 5.43 17.06
CA ALA A 673 14.70 6.01 16.21
C ALA A 673 16.07 5.54 16.62
N LYS A 674 16.35 5.57 17.92
CA LYS A 674 17.57 5.01 18.38
C LYS A 674 17.77 3.54 18.05
N ARG A 675 16.72 2.74 18.21
CA ARG A 675 16.83 1.33 17.90
C ARG A 675 17.06 1.10 16.41
N THR A 676 16.43 1.90 15.60
CA THR A 676 16.55 1.79 14.19
C THR A 676 17.97 2.09 13.79
N LEU A 677 18.60 3.07 14.46
CA LEU A 677 19.99 3.39 14.19
C LEU A 677 20.95 2.30 14.63
N ARG A 678 20.72 1.82 15.84
CA ARG A 678 21.41 0.71 16.36
C ARG A 678 21.39 -0.43 15.39
N ASN A 679 20.20 -0.77 14.92
CA ASN A 679 20.08 -1.94 14.05
C ASN A 679 20.60 -1.67 12.62
N ALA A 680 20.67 -0.41 12.25
CA ALA A 680 21.25 -0.08 10.96
C ALA A 680 22.73 -0.31 11.07
N CYS A 681 23.33 0.02 12.22
CA CYS A 681 24.75 -0.32 12.44
C CYS A 681 25.01 -1.82 12.46
N LEU A 682 24.18 -2.54 13.18
CA LEU A 682 24.23 -3.96 13.14
C LEU A 682 24.27 -4.59 11.79
N ARG A 683 23.56 -4.04 10.81
CA ARG A 683 23.59 -4.70 9.52
C ARG A 683 25.00 -4.68 8.96
N PHE A 684 25.69 -3.54 9.08
CA PHE A 684 27.06 -3.50 8.61
C PHE A 684 27.97 -4.41 9.45
N LEU A 685 27.75 -4.42 10.75
CA LEU A 685 28.61 -5.11 11.61
C LEU A 685 28.49 -6.60 11.34
N ALA A 686 27.34 -7.02 10.85
CA ALA A 686 27.17 -8.40 10.56
C ALA A 686 28.10 -8.85 9.45
N PHE A 687 28.51 -7.92 8.61
CA PHE A 687 29.44 -8.19 7.49
C PHE A 687 30.90 -7.85 7.81
N GLY A 688 31.28 -7.78 9.07
CA GLY A 688 32.65 -7.58 9.46
C GLY A 688 33.34 -8.90 9.60
N GLU A 689 34.43 -8.85 10.32
CA GLU A 689 35.18 -10.04 10.62
C GLU A 689 34.19 -11.09 11.16
N THR A 690 34.35 -12.32 10.67
CA THR A 690 33.32 -13.31 10.75
C THR A 690 33.04 -13.70 12.16
N HIS A 691 34.11 -13.91 12.94
CA HIS A 691 33.92 -14.29 14.32
C HIS A 691 33.27 -13.21 15.20
N LEU A 692 33.71 -11.96 15.10
CA LEU A 692 33.13 -10.85 15.86
C LEU A 692 31.68 -10.74 15.53
N ALA A 693 31.41 -10.81 14.24
CA ALA A 693 30.08 -10.65 13.76
C ALA A 693 29.17 -11.74 14.30
N ASP A 694 29.61 -12.99 14.27
CA ASP A 694 28.81 -14.12 14.66
C ASP A 694 28.42 -14.02 16.12
N VAL A 695 29.36 -13.49 16.90
CA VAL A 695 29.19 -13.37 18.31
C VAL A 695 28.22 -12.26 18.65
N LEU A 696 28.43 -11.10 18.05
CA LEU A 696 27.57 -9.96 18.22
C LEU A 696 26.11 -10.27 17.76
N VAL A 697 25.92 -10.88 16.60
CA VAL A 697 24.60 -11.15 16.10
C VAL A 697 23.89 -12.16 16.99
N SER A 698 24.57 -13.25 17.31
CA SER A 698 24.03 -14.29 18.13
C SER A 698 23.66 -13.76 19.53
N LYS A 699 24.53 -12.93 20.07
CA LYS A 699 24.21 -12.30 21.33
C LYS A 699 22.94 -11.42 21.26
N GLN A 700 22.85 -10.55 20.27
CA GLN A 700 21.62 -9.76 20.14
C GLN A 700 20.38 -10.62 20.07
N PHE A 701 20.44 -11.72 19.31
CA PHE A 701 19.31 -12.61 19.15
C PHE A 701 18.95 -13.20 20.48
N HIS A 702 19.95 -13.65 21.22
CA HIS A 702 19.63 -14.34 22.43
C HIS A 702 19.27 -13.43 23.59
N GLU A 703 19.80 -12.23 23.64
CA GLU A 703 19.51 -11.34 24.76
C GLU A 703 18.47 -10.28 24.49
N ALA A 704 17.86 -10.27 23.32
CA ALA A 704 16.82 -9.29 23.00
C ALA A 704 15.67 -9.37 23.94
N ASN A 705 15.18 -8.20 24.35
CA ASN A 705 13.94 -8.21 25.13
C ASN A 705 12.73 -7.76 24.34
N ASN A 706 12.76 -7.94 23.00
CA ASN A 706 11.68 -7.54 22.08
C ASN A 706 11.99 -8.09 20.67
N MET A 707 10.94 -8.20 19.85
CA MET A 707 11.01 -8.88 18.56
C MET A 707 11.78 -8.00 17.58
N THR A 708 11.77 -6.68 17.75
CA THR A 708 12.50 -5.83 16.83
C THR A 708 13.99 -6.26 16.85
N ASP A 709 14.54 -6.42 18.05
CA ASP A 709 15.94 -6.69 18.18
C ASP A 709 16.23 -8.10 17.82
N ALA A 710 15.37 -9.06 18.16
CA ALA A 710 15.59 -10.42 17.78
C ALA A 710 15.52 -10.57 16.30
N LEU A 711 14.53 -9.97 15.66
CA LEU A 711 14.42 -10.16 14.20
C LEU A 711 15.57 -9.55 13.43
N ALA A 712 16.01 -8.35 13.85
CA ALA A 712 17.09 -7.67 13.20
C ALA A 712 18.32 -8.56 13.24
N ALA A 713 18.56 -9.21 14.39
CA ALA A 713 19.74 -10.09 14.51
C ALA A 713 19.55 -11.29 13.63
N LEU A 714 18.37 -11.92 13.73
CA LEU A 714 18.19 -13.12 12.87
C LEU A 714 18.36 -12.77 11.40
N SER A 715 17.87 -11.61 11.01
CA SER A 715 17.89 -11.23 9.62
CA SER A 715 17.90 -11.20 9.61
C SER A 715 19.35 -11.03 9.14
N ALA A 716 20.20 -10.49 10.02
CA ALA A 716 21.60 -10.23 9.78
C ALA A 716 22.38 -11.53 9.62
N ALA A 717 21.99 -12.52 10.38
CA ALA A 717 22.59 -13.82 10.33
C ALA A 717 22.33 -14.45 8.99
N VAL A 718 21.12 -14.27 8.54
CA VAL A 718 20.73 -14.77 7.24
C VAL A 718 21.42 -14.04 6.11
N ALA A 719 21.44 -12.72 6.22
CA ALA A 719 21.96 -11.89 5.13
C ALA A 719 23.44 -12.12 4.92
N ALA A 720 24.17 -12.24 6.01
CA ALA A 720 25.60 -12.40 5.94
C ALA A 720 26.01 -13.87 6.02
N GLN A 721 25.05 -14.79 6.03
CA GLN A 721 25.33 -16.23 6.07
C GLN A 721 26.26 -16.61 7.24
N LEU A 722 26.01 -16.07 8.41
CA LEU A 722 26.93 -16.30 9.51
C LEU A 722 26.81 -17.71 10.03
N PRO A 723 27.86 -18.19 10.69
CA PRO A 723 27.81 -19.56 11.14
C PRO A 723 26.61 -19.85 12.08
N CYS A 724 26.18 -18.89 12.91
CA CYS A 724 25.05 -19.13 13.81
C CYS A 724 23.67 -19.23 13.10
N ARG A 725 23.60 -18.93 11.81
CA ARG A 725 22.31 -18.79 11.15
C ARG A 725 21.42 -20.02 11.32
N ASP A 726 21.91 -21.19 11.02
CA ASP A 726 21.03 -22.35 11.04
C ASP A 726 20.49 -22.63 12.44
N ALA A 727 21.34 -22.45 13.45
CA ALA A 727 20.86 -22.69 14.80
C ALA A 727 19.79 -21.63 15.19
N LEU A 728 20.05 -20.34 14.92
CA LEU A 728 19.05 -19.29 15.25
C LEU A 728 17.77 -19.51 14.48
N MET A 729 17.87 -19.89 13.21
CA MET A 729 16.66 -20.13 12.45
C MET A 729 15.87 -21.26 13.08
N GLN A 730 16.52 -22.30 13.56
CA GLN A 730 15.80 -23.49 14.06
C GLN A 730 15.18 -23.11 15.42
N GLU A 731 15.88 -22.28 16.15
CA GLU A 731 15.36 -21.85 17.44
C GLU A 731 14.10 -21.05 17.29
N TYR A 732 14.03 -20.23 16.27
CA TYR A 732 12.87 -19.38 16.07
C TYR A 732 11.72 -20.26 15.62
N ASP A 733 11.97 -21.18 14.70
CA ASP A 733 10.94 -22.18 14.34
C ASP A 733 10.42 -22.91 15.60
N ASP A 734 11.30 -23.49 16.40
CA ASP A 734 10.88 -24.27 17.60
C ASP A 734 10.01 -23.41 18.51
N LYS A 735 10.34 -22.13 18.62
CA LYS A 735 9.68 -21.29 19.56
C LYS A 735 8.35 -20.80 19.00
N TRP A 736 8.30 -20.59 17.69
CA TRP A 736 7.20 -19.76 17.16
C TRP A 736 6.36 -20.43 16.11
N HIS A 737 6.66 -21.67 15.73
CA HIS A 737 5.87 -22.36 14.66
C HIS A 737 4.36 -22.28 14.70
N GLN A 738 3.79 -22.32 15.89
CA GLN A 738 2.33 -22.20 16.09
C GLN A 738 1.74 -20.83 15.84
N ASN A 739 2.61 -19.84 15.61
CA ASN A 739 2.16 -18.49 15.41
C ASN A 739 2.43 -18.00 13.98
N GLY A 740 1.39 -17.98 13.18
CA GLY A 740 1.48 -17.64 11.75
C GLY A 740 2.13 -16.29 11.50
N LEU A 741 1.71 -15.25 12.22
CA LEU A 741 2.18 -13.91 11.94
C LEU A 741 3.64 -13.83 12.20
N VAL A 742 4.07 -14.50 13.23
CA VAL A 742 5.46 -14.43 13.60
C VAL A 742 6.26 -15.30 12.59
N MET A 743 5.70 -16.44 12.20
CA MET A 743 6.45 -17.29 11.23
C MET A 743 6.55 -16.64 9.87
N ASP A 744 5.58 -15.79 9.52
CA ASP A 744 5.71 -15.05 8.29
C ASP A 744 7.03 -14.36 8.20
N LYS A 745 7.56 -13.83 9.29
CA LYS A 745 8.82 -13.08 9.16
C LYS A 745 9.95 -14.03 8.81
N TRP A 746 9.86 -15.24 9.33
CA TRP A 746 10.86 -16.28 9.10
C TRP A 746 10.75 -16.81 7.71
N PHE A 747 9.50 -16.98 7.24
CA PHE A 747 9.31 -17.35 5.80
C PHE A 747 9.94 -16.29 4.86
N ILE A 748 9.74 -15.03 5.17
CA ILE A 748 10.38 -13.97 4.37
C ILE A 748 11.90 -14.10 4.33
N LEU A 749 12.50 -14.33 5.47
CA LEU A 749 13.91 -14.53 5.56
C LEU A 749 14.37 -15.73 4.77
N GLN A 750 13.64 -16.84 4.83
CA GLN A 750 13.98 -17.97 4.03
C GLN A 750 13.92 -17.65 2.58
N ALA A 751 12.84 -16.97 2.16
CA ALA A 751 12.67 -16.71 0.75
C ALA A 751 13.65 -15.71 0.18
N THR A 752 14.12 -14.79 1.01
CA THR A 752 15.03 -13.76 0.56
C THR A 752 16.49 -14.11 0.94
N SER A 753 16.74 -15.33 1.40
CA SER A 753 18.11 -15.73 1.72
C SER A 753 19.07 -15.63 0.52
N PRO A 754 20.28 -15.19 0.75
CA PRO A 754 21.28 -15.21 -0.34
C PRO A 754 21.95 -16.59 -0.53
N ALA A 755 21.57 -17.56 0.26
CA ALA A 755 22.13 -18.89 0.11
C ALA A 755 21.94 -19.41 -1.29
N ALA A 756 22.94 -20.18 -1.75
CA ALA A 756 22.90 -20.77 -3.10
C ALA A 756 21.72 -21.70 -3.23
N ASN A 757 21.35 -22.39 -2.16
CA ASN A 757 20.25 -23.37 -2.25
C ASN A 757 18.86 -22.81 -1.84
N VAL A 758 18.71 -21.50 -1.93
CA VAL A 758 17.44 -20.90 -1.47
C VAL A 758 16.15 -21.48 -2.08
N LEU A 759 16.15 -21.74 -3.38
CA LEU A 759 14.94 -22.21 -4.01
C LEU A 759 14.55 -23.56 -3.49
N GLU A 760 15.52 -24.40 -3.34
CA GLU A 760 15.29 -25.70 -2.84
C GLU A 760 14.76 -25.59 -1.42
N THR A 761 15.29 -24.68 -0.63
CA THR A 761 14.79 -24.58 0.76
C THR A 761 13.35 -24.08 0.74
N VAL A 762 13.12 -23.13 -0.12
CA VAL A 762 11.74 -22.62 -0.31
C VAL A 762 10.72 -23.68 -0.73
N ARG A 763 11.04 -24.53 -1.71
CA ARG A 763 10.13 -25.63 -2.08
C ARG A 763 9.84 -26.54 -0.91
N GLY A 764 10.88 -26.88 -0.18
CA GLY A 764 10.76 -27.71 1.02
C GLY A 764 9.77 -27.09 2.02
N LEU A 765 9.84 -25.77 2.17
CA LEU A 765 8.99 -25.06 3.08
C LEU A 765 7.52 -25.11 2.67
N LEU A 766 7.19 -25.49 1.45
CA LEU A 766 5.80 -25.65 1.12
C LEU A 766 5.11 -26.76 1.96
N GLN A 767 5.89 -27.63 2.57
CA GLN A 767 5.38 -28.63 3.46
C GLN A 767 5.59 -28.28 4.93
N HIS A 768 6.17 -27.14 5.25
CA HIS A 768 6.38 -26.79 6.62
C HIS A 768 5.03 -26.72 7.35
N ARG A 769 5.05 -27.09 8.61
CA ARG A 769 3.82 -27.15 9.46
C ARG A 769 3.15 -25.82 9.64
N SER A 770 3.89 -24.71 9.48
CA SER A 770 3.31 -23.39 9.61
C SER A 770 2.92 -22.81 8.25
N PHE A 771 3.24 -23.50 7.15
CA PHE A 771 2.79 -23.00 5.85
C PHE A 771 1.46 -23.63 5.40
N THR A 772 0.63 -22.84 4.72
CA THR A 772 -0.48 -23.46 3.99
C THR A 772 -0.88 -22.59 2.81
N MET A 773 -1.22 -23.25 1.69
CA MET A 773 -1.62 -22.54 0.47
C MET A 773 -3.03 -21.92 0.65
N SER A 774 -3.74 -22.33 1.71
CA SER A 774 -5.06 -21.78 2.06
C SER A 774 -5.04 -20.36 2.66
N ASN A 775 -3.85 -19.89 3.05
CA ASN A 775 -3.73 -18.65 3.74
C ASN A 775 -2.90 -17.60 2.98
N PRO A 776 -3.50 -16.54 2.56
CA PRO A 776 -2.76 -15.62 1.76
C PRO A 776 -1.55 -15.01 2.42
N ASN A 777 -1.58 -14.81 3.74
CA ASN A 777 -0.41 -14.25 4.40
C ASN A 777 0.83 -15.19 4.25
N ARG A 778 0.60 -16.47 4.45
CA ARG A 778 1.66 -17.49 4.31
C ARG A 778 2.18 -17.53 2.85
N ILE A 779 1.27 -17.45 1.88
CA ILE A 779 1.57 -17.43 0.50
C ILE A 779 2.47 -16.24 0.23
N ARG A 780 2.05 -15.08 0.62
CA ARG A 780 2.80 -13.90 0.31
C ARG A 780 4.15 -13.87 0.99
N SER A 781 4.23 -14.45 2.18
CA SER A 781 5.46 -14.41 2.98
CA SER A 781 5.47 -14.39 2.95
C SER A 781 6.56 -15.37 2.45
N LEU A 782 6.16 -16.45 1.81
CA LEU A 782 7.10 -17.48 1.34
C LEU A 782 7.24 -17.35 -0.16
N ILE A 783 6.14 -17.49 -0.89
CA ILE A 783 6.23 -17.49 -2.33
C ILE A 783 6.37 -16.11 -2.86
N GLY A 784 5.51 -15.20 -2.42
CA GLY A 784 5.59 -13.86 -2.93
C GLY A 784 6.89 -13.15 -2.61
N ALA A 785 7.40 -13.38 -1.42
CA ALA A 785 8.67 -12.80 -1.06
C ALA A 785 9.81 -13.36 -1.94
N PHE A 786 9.73 -14.61 -2.34
CA PHE A 786 10.79 -15.18 -3.16
C PHE A 786 10.83 -14.47 -4.48
N ALA A 787 9.69 -14.47 -5.14
CA ALA A 787 9.54 -13.95 -6.49
C ALA A 787 9.72 -12.46 -6.54
N GLY A 788 9.21 -11.78 -5.52
CA GLY A 788 9.17 -10.33 -5.51
C GLY A 788 10.23 -9.60 -4.74
N SER A 789 10.76 -10.23 -3.72
CA SER A 789 11.84 -9.61 -2.96
C SER A 789 13.14 -10.34 -3.06
N ASN A 790 13.21 -11.48 -3.74
CA ASN A 790 14.53 -12.02 -4.05
C ASN A 790 14.76 -12.10 -5.57
N PRO A 791 14.77 -10.95 -6.23
CA PRO A 791 14.98 -10.93 -7.70
C PRO A 791 16.22 -11.71 -8.16
N ALA A 792 17.27 -11.70 -7.37
CA ALA A 792 18.44 -12.43 -7.78
C ALA A 792 18.19 -13.91 -7.94
N ALA A 793 17.44 -14.51 -7.03
CA ALA A 793 17.13 -15.96 -7.13
C ALA A 793 15.97 -16.21 -8.11
N PHE A 794 14.95 -15.34 -8.06
CA PHE A 794 13.84 -15.48 -8.91
C PHE A 794 14.35 -15.54 -10.38
N HIS A 795 15.32 -14.68 -10.67
CA HIS A 795 15.93 -14.52 -12.00
C HIS A 795 17.24 -15.29 -12.19
N ALA A 796 17.38 -16.39 -11.46
CA ALA A 796 18.49 -17.27 -11.69
C ALA A 796 18.54 -17.63 -13.14
N GLU A 797 19.77 -17.71 -13.63
CA GLU A 797 20.02 -17.93 -15.05
C GLU A 797 19.44 -19.29 -15.57
N ASP A 798 19.35 -20.32 -14.74
CA ASP A 798 18.75 -21.57 -15.19
C ASP A 798 17.25 -21.44 -15.28
N GLY A 799 16.63 -20.29 -14.95
CA GLY A 799 15.18 -20.16 -15.14
C GLY A 799 14.29 -20.91 -14.16
N SER A 800 14.91 -21.45 -13.13
CA SER A 800 14.22 -22.25 -12.15
C SER A 800 13.21 -21.41 -11.36
N GLY A 801 13.40 -20.10 -11.29
CA GLY A 801 12.51 -19.27 -10.53
C GLY A 801 11.17 -19.10 -11.18
N TYR A 802 11.24 -18.89 -12.47
CA TYR A 802 10.06 -18.75 -13.24
C TYR A 802 9.25 -20.04 -13.18
N LEU A 803 9.91 -21.19 -13.26
CA LEU A 803 9.16 -22.46 -13.29
C LEU A 803 8.51 -22.69 -11.98
N PHE A 804 9.19 -22.31 -10.92
CA PHE A 804 8.59 -22.45 -9.61
C PHE A 804 7.32 -21.56 -9.49
N LEU A 805 7.43 -20.31 -9.89
CA LEU A 805 6.29 -19.42 -9.81
C LEU A 805 5.16 -19.93 -10.70
N VAL A 806 5.47 -20.47 -11.87
CA VAL A 806 4.38 -21.03 -12.71
C VAL A 806 3.64 -22.13 -11.95
N GLU A 807 4.35 -23.02 -11.28
CA GLU A 807 3.72 -24.13 -10.58
CA GLU A 807 3.70 -24.14 -10.56
C GLU A 807 2.80 -23.56 -9.49
N MET A 808 3.28 -22.55 -8.78
CA MET A 808 2.52 -22.02 -7.69
C MET A 808 1.24 -21.28 -8.26
N LEU A 809 1.40 -20.57 -9.34
CA LEU A 809 0.26 -19.84 -9.91
C LEU A 809 -0.73 -20.80 -10.56
N THR A 810 -0.25 -21.96 -10.97
CA THR A 810 -1.13 -22.91 -11.57
C THR A 810 -2.15 -23.35 -10.54
N ASP A 811 -1.73 -23.47 -9.29
CA ASP A 811 -2.62 -23.79 -8.15
C ASP A 811 -3.43 -22.58 -7.83
N LEU A 812 -2.81 -21.42 -7.63
CA LEU A 812 -3.57 -20.29 -7.11
C LEU A 812 -4.60 -19.69 -8.05
N ASN A 813 -4.34 -19.82 -9.33
CA ASN A 813 -5.33 -19.35 -10.30
C ASN A 813 -6.73 -19.86 -9.99
N SER A 814 -6.86 -21.11 -9.59
CA SER A 814 -8.16 -21.68 -9.29
C SER A 814 -8.59 -21.40 -7.85
N ARG A 815 -7.65 -21.50 -6.93
CA ARG A 815 -7.93 -21.30 -5.51
C ARG A 815 -8.27 -19.82 -5.20
N ASN A 816 -7.42 -18.90 -5.62
CA ASN A 816 -7.54 -17.51 -5.13
C ASN A 816 -6.89 -16.59 -6.12
N PRO A 817 -7.69 -16.16 -7.08
CA PRO A 817 -7.10 -15.44 -8.17
C PRO A 817 -6.50 -14.14 -7.75
N GLN A 818 -7.03 -13.49 -6.72
CA GLN A 818 -6.43 -12.20 -6.37
C GLN A 818 -5.01 -12.40 -5.85
N VAL A 819 -4.76 -13.43 -5.07
CA VAL A 819 -3.40 -13.62 -4.57
CA VAL A 819 -3.40 -13.60 -4.57
C VAL A 819 -2.49 -14.07 -5.72
N ALA A 820 -3.04 -14.85 -6.63
CA ALA A 820 -2.34 -15.25 -7.87
C ALA A 820 -1.87 -14.03 -8.66
N SER A 821 -2.73 -13.06 -8.79
CA SER A 821 -2.42 -11.89 -9.58
C SER A 821 -1.40 -10.99 -8.90
N ARG A 822 -1.39 -11.01 -7.58
CA ARG A 822 -0.31 -10.30 -6.85
C ARG A 822 1.02 -10.95 -7.18
N LEU A 823 1.01 -12.27 -7.09
CA LEU A 823 2.25 -13.03 -7.27
C LEU A 823 2.80 -13.07 -8.70
N ILE A 824 1.94 -12.83 -9.70
CA ILE A 824 2.40 -12.83 -11.09
C ILE A 824 3.20 -11.55 -11.46
N GLU A 825 3.08 -10.50 -10.67
CA GLU A 825 3.61 -9.17 -11.01
C GLU A 825 5.10 -9.24 -11.44
N PRO A 826 5.93 -9.90 -10.67
CA PRO A 826 7.35 -9.99 -11.17
C PRO A 826 7.58 -10.53 -12.61
N LEU A 827 6.75 -11.44 -13.09
CA LEU A 827 6.93 -12.03 -14.42
C LEU A 827 6.49 -11.07 -15.46
N ILE A 828 5.56 -10.19 -15.14
CA ILE A 828 5.14 -9.26 -16.15
C ILE A 828 6.10 -8.11 -16.44
N ARG A 829 7.17 -8.04 -15.68
CA ARG A 829 8.20 -7.03 -15.89
C ARG A 829 9.31 -7.45 -16.89
N LEU A 830 9.09 -8.52 -17.63
CA LEU A 830 10.11 -9.15 -18.45
C LEU A 830 10.89 -8.23 -19.33
N LYS A 831 10.28 -7.19 -19.83
CA LYS A 831 11.02 -6.34 -20.73
C LYS A 831 12.09 -5.46 -20.11
N ARG A 832 12.16 -5.42 -18.79
CA ARG A 832 13.25 -4.71 -18.11
CA ARG A 832 13.23 -4.74 -18.04
C ARG A 832 14.50 -5.60 -18.05
N TYR A 833 14.37 -6.87 -18.43
CA TYR A 833 15.48 -7.80 -18.29
C TYR A 833 16.15 -8.09 -19.61
N ASP A 834 17.19 -8.84 -19.57
CA ASP A 834 17.94 -9.11 -20.79
C ASP A 834 17.20 -10.16 -21.60
N ALA A 835 17.66 -10.32 -22.85
CA ALA A 835 16.93 -11.15 -23.83
C ALA A 835 16.74 -12.61 -23.43
N LYS A 836 17.79 -13.21 -22.92
CA LYS A 836 17.71 -14.58 -22.46
C LYS A 836 16.69 -14.79 -21.31
N ARG A 837 16.60 -13.82 -20.40
CA ARG A 837 15.60 -13.82 -19.33
C ARG A 837 14.21 -13.59 -19.91
N GLN A 838 14.09 -12.63 -20.82
CA GLN A 838 12.80 -12.34 -21.44
C GLN A 838 12.23 -13.60 -22.06
N GLU A 839 13.12 -14.37 -22.67
CA GLU A 839 12.66 -15.48 -23.42
C GLU A 839 12.05 -16.51 -22.46
N LYS A 840 12.70 -16.79 -21.34
CA LYS A 840 12.16 -17.79 -20.44
C LYS A 840 10.91 -17.28 -19.69
N MET A 841 10.83 -15.97 -19.58
CA MET A 841 9.75 -15.39 -18.82
C MET A 841 8.53 -15.39 -19.71
N ARG A 842 8.73 -15.10 -21.00
CA ARG A 842 7.62 -15.20 -21.97
C ARG A 842 7.07 -16.61 -22.01
N ALA A 843 7.96 -17.59 -22.03
CA ALA A 843 7.56 -19.00 -22.05
C ALA A 843 6.73 -19.30 -20.82
N ALA A 844 7.12 -18.72 -19.68
CA ALA A 844 6.39 -19.03 -18.48
C ALA A 844 5.01 -18.39 -18.57
N LEU A 845 4.95 -17.22 -19.10
CA LEU A 845 3.68 -16.56 -19.22
C LEU A 845 2.79 -17.29 -20.27
N GLU A 846 3.39 -17.80 -21.33
CA GLU A 846 2.60 -18.53 -22.38
C GLU A 846 2.05 -19.80 -21.74
N GLN A 847 2.81 -20.44 -20.87
CA GLN A 847 2.23 -21.59 -20.19
C GLN A 847 0.98 -21.25 -19.37
N LEU A 848 1.06 -20.15 -18.65
CA LEU A 848 -0.04 -19.65 -17.87
C LEU A 848 -1.24 -19.23 -18.69
N LYS A 849 -0.97 -18.53 -19.78
CA LYS A 849 -2.00 -18.16 -20.72
C LYS A 849 -2.82 -19.38 -21.19
N GLY A 850 -2.19 -20.53 -21.24
CA GLY A 850 -2.86 -21.75 -21.69
C GLY A 850 -3.60 -22.52 -20.59
N LEU A 851 -3.67 -22.00 -19.36
CA LEU A 851 -4.34 -22.74 -18.27
C LEU A 851 -5.82 -22.90 -18.56
N GLU A 852 -6.33 -24.10 -18.29
CA GLU A 852 -7.78 -24.30 -18.27
C GLU A 852 -8.33 -23.41 -17.17
N ASN A 853 -9.42 -22.74 -17.45
CA ASN A 853 -10.08 -21.85 -16.52
C ASN A 853 -9.16 -20.74 -16.01
N LEU A 854 -8.53 -20.00 -16.92
CA LEU A 854 -7.68 -18.93 -16.56
C LEU A 854 -8.52 -17.82 -15.97
N SER A 855 -8.16 -17.37 -14.79
CA SER A 855 -8.93 -16.29 -14.17
C SER A 855 -8.78 -15.01 -14.98
N GLY A 856 -9.80 -14.17 -15.01
CA GLY A 856 -9.70 -12.84 -15.51
C GLY A 856 -8.56 -12.00 -14.93
N ASP A 857 -8.32 -12.16 -13.64
CA ASP A 857 -7.28 -11.42 -12.95
C ASP A 857 -5.95 -11.70 -13.66
N LEU A 858 -5.62 -12.96 -13.91
CA LEU A 858 -4.36 -13.25 -14.55
C LEU A 858 -4.36 -12.95 -16.06
N TYR A 859 -5.52 -13.12 -16.70
CA TYR A 859 -5.67 -12.92 -18.14
C TYR A 859 -5.35 -11.51 -18.46
N GLU A 860 -5.88 -10.60 -17.67
CA GLU A 860 -5.54 -9.21 -17.88
C GLU A 860 -4.06 -8.96 -17.91
N LYS A 861 -3.35 -9.45 -16.90
CA LYS A 861 -1.94 -9.08 -16.79
C LYS A 861 -1.12 -9.82 -17.83
N ILE A 862 -1.45 -11.08 -18.01
CA ILE A 862 -0.71 -11.91 -18.92
C ILE A 862 -0.81 -11.39 -20.36
N THR A 863 -1.98 -10.90 -20.78
CA THR A 863 -2.05 -10.47 -22.17
CA THR A 863 -2.19 -10.36 -22.11
C THR A 863 -1.30 -9.12 -22.33
N LYS A 864 -1.33 -8.24 -21.36
CA LYS A 864 -0.52 -7.00 -21.46
C LYS A 864 0.96 -7.30 -21.51
N ALA A 865 1.35 -8.33 -20.77
CA ALA A 865 2.73 -8.68 -20.70
C ALA A 865 3.26 -9.28 -21.97
N LEU A 866 2.45 -10.08 -22.63
CA LEU A 866 2.86 -10.80 -23.84
C LEU A 866 2.72 -9.93 -25.09
N ALA A 867 2.10 -8.77 -24.96
CA ALA A 867 1.95 -7.80 -26.04
C ALA A 867 3.27 -7.17 -26.54
#